data_4RMJ
#
_entry.id   4RMJ
#
_cell.length_a   77.600
_cell.length_b   77.960
_cell.length_c   114.280
_cell.angle_alpha   90.00
_cell.angle_beta   90.00
_cell.angle_gamma   90.00
#
_symmetry.space_group_name_H-M   'P 21 21 21'
#
loop_
_entity.id
_entity.type
_entity.pdbx_description
1 polymer 'NAD-dependent protein deacetylase sirtuin-2'
2 non-polymer '[(2R,3S,4R,5R)-5-(6-AMINOPURIN-9-YL)-3,4-DIHYDROXY-OXOLAN-2-YL]METHYL [HYDROXY-[[(2R,3S,4R,5S)-3,4,5-TRIHYDROXYOXOLAN-2-YL]METHOXY]PHOSPHORYL] HYDROGEN PHOSPHATE'
3 non-polymer NICOTINAMIDE
4 non-polymer DI(HYDROXYETHYL)ETHER
5 non-polymer 1,2-ETHANEDIOL
6 non-polymer 'SODIUM ION'
7 non-polymer 'ZINC ION'
8 non-polymer 'TRIETHYLENE GLYCOL'
9 water water
#
_entity_poly.entity_id   1
_entity_poly.type   'polypeptide(L)'
_entity_poly.pdbx_seq_one_letter_code
;GHMERLLDELTLEGVARYMQSERCRRVICLVGAGISTSAGIPDFRSPSTGLYDNLEKYHLPYPEAIFEISYFKKHPEPFF
ALAKELYPGQFKPTICHYFMRLLKDKGLLLRCYTQNIDTLERIAGLEQEDLVEAHGTFYTSHCVSASCRHEYPLSWMKEK
IFSEVTPKCEDCQSLVKPDIVFFGESLPARFFSCMQSDFLKVDLLLVMGTSLQVQPFASLISKAPLSTPRLLINKEKAGQ
SDPFLGMIMGLGGGMDFDSKKAYRDVAWLGECDQGCLALAELLGWKKELEDLVRREHASIDAQS
;
_entity_poly.pdbx_strand_id   A,B
#
loop_
_chem_comp.id
_chem_comp.type
_chem_comp.name
_chem_comp.formula
AR6 non-polymer '[(2R,3S,4R,5R)-5-(6-AMINOPURIN-9-YL)-3,4-DIHYDROXY-OXOLAN-2-YL]METHYL [HYDROXY-[[(2R,3S,4R,5S)-3,4,5-TRIHYDROXYOXOLAN-2-YL]METHOXY]PHOSPHORYL] HYDROGEN PHOSPHATE' 'C15 H23 N5 O14 P2'
EDO non-polymer 1,2-ETHANEDIOL 'C2 H6 O2'
NA non-polymer 'SODIUM ION' 'Na 1'
NCA non-polymer NICOTINAMIDE 'C6 H6 N2 O'
PEG non-polymer DI(HYDROXYETHYL)ETHER 'C4 H10 O3'
PGE non-polymer 'TRIETHYLENE GLYCOL' 'C6 H14 O4'
ZN non-polymer 'ZINC ION' 'Zn 2'
#
# COMPACT_ATOMS: atom_id res chain seq x y z
N MET A 3 23.05 13.60 9.44
CA MET A 3 22.30 12.51 10.15
C MET A 3 22.81 12.36 11.57
N GLU A 4 21.94 12.68 12.52
CA GLU A 4 22.23 12.48 13.93
C GLU A 4 22.13 10.96 14.13
N ARG A 5 23.20 10.35 14.64
CA ARG A 5 23.17 8.96 15.05
C ARG A 5 22.90 8.91 16.56
N LEU A 6 21.66 8.61 16.93
CA LEU A 6 21.24 8.69 18.31
C LEU A 6 21.47 7.41 19.12
N LEU A 7 21.52 6.25 18.46
CA LEU A 7 21.76 4.98 19.13
C LEU A 7 23.25 4.67 19.05
N ASP A 8 23.84 4.34 20.18
CA ASP A 8 25.26 4.06 20.23
C ASP A 8 25.50 2.63 19.75
N GLU A 9 24.46 1.80 19.73
CA GLU A 9 24.52 0.52 19.06
C GLU A 9 23.11 0.00 18.83
N LEU A 10 22.94 -0.89 17.86
CA LEU A 10 21.62 -1.34 17.40
C LEU A 10 21.15 -2.61 18.14
N THR A 11 20.89 -2.41 19.43
CA THR A 11 20.52 -3.47 20.38
C THR A 11 19.54 -2.89 21.38
N LEU A 12 18.87 -3.77 22.12
CA LEU A 12 17.99 -3.33 23.18
C LEU A 12 18.76 -2.46 24.19
N GLU A 13 20.00 -2.86 24.49
CA GLU A 13 20.85 -2.15 25.45
C GLU A 13 21.10 -0.73 24.99
N GLY A 14 21.37 -0.55 23.69
CA GLY A 14 21.57 0.81 23.11
C GLY A 14 20.30 1.65 23.18
N VAL A 15 19.16 1.02 22.90
CA VAL A 15 17.87 1.75 23.02
C VAL A 15 17.62 2.20 24.47
N ALA A 16 17.84 1.28 25.42
CA ALA A 16 17.70 1.62 26.84
C ALA A 16 18.62 2.77 27.26
N ARG A 17 19.88 2.76 26.83
CA ARG A 17 20.78 3.87 27.16
C ARG A 17 20.27 5.20 26.58
N TYR A 18 19.73 5.13 25.38
CA TYR A 18 19.13 6.29 24.77
C TYR A 18 17.92 6.79 25.55
N MET A 19 17.04 5.86 25.93
CA MET A 19 15.83 6.21 26.70
C MET A 19 16.16 6.89 28.02
N GLN A 20 17.27 6.51 28.62
CA GLN A 20 17.70 7.17 29.88
C GLN A 20 18.31 8.53 29.67
N SER A 21 18.80 8.82 28.47
CA SER A 21 19.35 10.15 28.18
C SER A 21 18.31 11.26 28.14
N GLU A 22 18.80 12.50 28.18
CA GLU A 22 17.98 13.70 28.10
C GLU A 22 17.36 13.91 26.74
N ARG A 23 17.93 13.26 25.74
CA ARG A 23 17.53 13.45 24.38
C ARG A 23 16.24 12.67 24.07
N CYS A 24 15.91 11.66 24.88
CA CYS A 24 14.70 10.87 24.68
C CYS A 24 13.58 11.36 25.60
N ARG A 25 12.80 12.31 25.09
CA ARG A 25 11.72 12.93 25.83
C ARG A 25 10.34 12.38 25.52
N ARG A 26 10.10 12.02 24.26
CA ARG A 26 8.78 11.71 23.80
C ARG A 26 8.77 10.40 23.01
N VAL A 27 8.08 9.40 23.53
CA VAL A 27 8.02 8.07 22.91
C VAL A 27 6.63 7.88 22.30
N ILE A 28 6.58 7.34 21.07
CA ILE A 28 5.29 6.94 20.48
C ILE A 28 5.33 5.43 20.38
N CYS A 29 4.32 4.80 20.90
CA CYS A 29 4.14 3.33 20.71
C CYS A 29 3.19 3.09 19.57
N LEU A 30 3.57 2.16 18.70
CA LEU A 30 2.71 1.70 17.62
C LEU A 30 2.46 0.23 17.84
N VAL A 31 1.20 -0.16 18.07
CA VAL A 31 0.96 -1.58 18.50
C VAL A 31 -0.11 -2.25 17.71
N GLY A 32 -0.08 -3.58 17.68
CA GLY A 32 -1.15 -4.29 17.09
C GLY A 32 -1.48 -5.53 17.90
N ALA A 33 -2.04 -6.49 17.24
CA ALA A 33 -2.73 -7.60 17.89
C ALA A 33 -1.80 -8.53 18.63
N GLY A 34 -0.50 -8.47 18.34
CA GLY A 34 0.44 -9.34 18.99
C GLY A 34 0.68 -8.98 20.41
N ILE A 35 0.36 -7.73 20.80
CA ILE A 35 0.42 -7.35 22.20
C ILE A 35 -0.72 -7.89 23.07
N SER A 36 -1.75 -8.49 22.47
CA SER A 36 -2.87 -9.04 23.24
C SER A 36 -3.01 -10.56 23.13
N THR A 37 -2.10 -11.22 22.42
CA THR A 37 -2.21 -12.70 22.30
C THR A 37 -1.92 -13.38 23.63
N SER A 38 -0.94 -12.88 24.40
CA SER A 38 -0.69 -13.42 25.75
C SER A 38 -1.85 -13.23 26.74
N ALA A 39 -2.79 -12.33 26.44
CA ALA A 39 -4.00 -12.22 27.23
C ALA A 39 -5.06 -13.26 26.83
N GLY A 40 -4.83 -13.98 25.74
CA GLY A 40 -5.81 -14.97 25.22
C GLY A 40 -6.57 -14.53 23.97
N ILE A 41 -6.22 -13.37 23.40
CA ILE A 41 -6.84 -12.92 22.16
C ILE A 41 -5.93 -13.29 20.97
N PRO A 42 -6.39 -14.20 20.08
CA PRO A 42 -5.55 -14.43 18.88
C PRO A 42 -5.33 -13.18 18.02
N ASP A 43 -4.20 -13.12 17.36
CA ASP A 43 -3.93 -12.08 16.38
C ASP A 43 -4.67 -12.39 15.06
N PHE A 44 -4.39 -11.61 14.01
CA PHE A 44 -4.98 -11.87 12.70
C PHE A 44 -4.19 -12.82 11.81
N ARG A 45 -2.86 -12.64 11.71
CA ARG A 45 -2.15 -13.22 10.57
C ARG A 45 -1.16 -14.32 10.96
N SER A 46 -1.07 -14.67 12.24
CA SER A 46 -0.18 -15.75 12.65
C SER A 46 -0.73 -17.04 11.95
N PRO A 47 0.13 -17.78 11.27
CA PRO A 47 -0.37 -19.02 10.62
C PRO A 47 -1.07 -19.96 11.64
N SER A 48 -2.18 -20.56 11.22
CA SER A 48 -2.94 -21.54 11.98
C SER A 48 -3.73 -20.98 13.17
N THR A 49 -3.10 -20.13 13.97
CA THR A 49 -3.73 -19.63 15.20
C THR A 49 -4.45 -18.32 15.00
N GLY A 50 -4.00 -17.54 14.03
CA GLY A 50 -4.57 -16.20 13.83
C GLY A 50 -5.98 -16.29 13.28
N LEU A 51 -6.74 -15.25 13.49
CA LEU A 51 -8.14 -15.20 13.10
C LEU A 51 -8.37 -15.53 11.63
N TYR A 52 -7.50 -15.03 10.76
CA TYR A 52 -7.73 -15.18 9.32
C TYR A 52 -7.50 -16.63 8.82
N ASP A 53 -6.81 -17.44 9.59
CA ASP A 53 -6.73 -18.91 9.34
C ASP A 53 -7.87 -19.72 10.02
N ASN A 54 -8.83 -19.02 10.65
CA ASN A 54 -9.89 -19.67 11.44
C ASN A 54 -11.30 -19.19 11.11
N LEU A 55 -11.55 -18.93 9.85
CA LEU A 55 -12.85 -18.45 9.42
C LEU A 55 -13.54 -19.37 8.41
N GLU A 56 -13.08 -20.63 8.31
CA GLU A 56 -13.57 -21.56 7.27
C GLU A 56 -15.09 -21.73 7.28
N LYS A 57 -15.68 -21.66 8.47
CA LYS A 57 -17.10 -21.94 8.63
C LYS A 57 -17.96 -20.87 8.00
N TYR A 58 -17.37 -19.69 7.75
CA TYR A 58 -18.11 -18.59 7.14
C TYR A 58 -18.08 -18.60 5.63
N HIS A 59 -17.31 -19.50 5.01
CA HIS A 59 -17.30 -19.66 3.55
C HIS A 59 -17.10 -18.31 2.85
N LEU A 60 -16.08 -17.57 3.28
CA LEU A 60 -15.80 -16.25 2.75
C LEU A 60 -15.01 -16.42 1.47
N PRO A 61 -15.07 -15.44 0.56
CA PRO A 61 -14.21 -15.53 -0.63
C PRO A 61 -12.70 -15.48 -0.27
N TYR A 62 -12.39 -14.83 0.85
CA TYR A 62 -11.04 -14.71 1.38
C TYR A 62 -11.26 -14.14 2.77
N PRO A 63 -10.29 -14.33 3.67
CA PRO A 63 -10.57 -14.07 5.06
C PRO A 63 -10.90 -12.62 5.37
N GLU A 64 -10.19 -11.72 4.74
CA GLU A 64 -10.32 -10.27 5.03
C GLU A 64 -11.75 -9.80 4.69
N ALA A 65 -12.48 -10.59 3.93
CA ALA A 65 -13.84 -10.19 3.55
C ALA A 65 -14.73 -9.86 4.75
N ILE A 66 -14.52 -10.54 5.87
CA ILE A 66 -15.33 -10.33 7.07
C ILE A 66 -15.19 -8.96 7.71
N PHE A 67 -14.07 -8.28 7.41
CA PHE A 67 -13.86 -6.88 7.85
C PHE A 67 -13.70 -5.92 6.68
N GLU A 68 -14.45 -6.15 5.60
CA GLU A 68 -14.42 -5.34 4.40
C GLU A 68 -15.79 -4.75 4.18
N ILE A 69 -15.84 -3.43 4.03
CA ILE A 69 -17.10 -2.74 3.99
C ILE A 69 -17.98 -3.16 2.80
N SER A 70 -17.40 -3.43 1.64
CA SER A 70 -18.23 -3.71 0.46
C SER A 70 -18.80 -5.12 0.58
N TYR A 71 -18.00 -6.07 1.06
CA TYR A 71 -18.51 -7.41 1.33
C TYR A 71 -19.60 -7.39 2.41
N PHE A 72 -19.34 -6.60 3.46
CA PHE A 72 -20.25 -6.44 4.60
C PHE A 72 -21.64 -5.94 4.15
N LYS A 73 -21.67 -4.97 3.24
CA LYS A 73 -22.97 -4.48 2.73
C LYS A 73 -23.75 -5.55 1.95
N LYS A 74 -23.06 -6.42 1.21
CA LYS A 74 -23.68 -7.56 0.52
C LYS A 74 -24.05 -8.72 1.46
N HIS A 75 -23.20 -9.00 2.45
CA HIS A 75 -23.31 -10.17 3.32
C HIS A 75 -22.89 -9.85 4.76
N PRO A 76 -23.76 -9.15 5.52
CA PRO A 76 -23.44 -8.70 6.86
C PRO A 76 -23.44 -9.80 7.95
N GLU A 77 -24.06 -10.94 7.65
CA GLU A 77 -24.32 -11.97 8.68
C GLU A 77 -23.03 -12.58 9.24
N PRO A 78 -22.05 -12.89 8.36
CA PRO A 78 -20.85 -13.49 8.94
C PRO A 78 -20.12 -12.59 9.91
N PHE A 79 -20.05 -11.29 9.63
CA PHE A 79 -19.44 -10.36 10.60
C PHE A 79 -20.17 -10.42 11.95
N PHE A 80 -21.49 -10.31 11.90
CA PHE A 80 -22.28 -10.20 13.13
C PHE A 80 -22.28 -11.48 13.95
N ALA A 81 -22.20 -12.64 13.29
CA ALA A 81 -21.97 -13.90 14.00
C ALA A 81 -20.61 -13.92 14.68
N LEU A 82 -19.57 -13.50 13.97
CA LEU A 82 -18.23 -13.40 14.57
C LEU A 82 -18.19 -12.37 15.70
N ALA A 83 -18.94 -11.28 15.57
CA ALA A 83 -18.90 -10.13 16.50
C ALA A 83 -19.29 -10.41 17.94
N LYS A 84 -20.03 -11.51 18.13
CA LYS A 84 -20.37 -11.94 19.47
C LYS A 84 -19.09 -12.12 20.29
N GLU A 85 -18.06 -12.67 19.65
CA GLU A 85 -16.78 -12.96 20.31
C GLU A 85 -15.87 -11.77 20.50
N LEU A 86 -16.08 -10.72 19.73
CA LEU A 86 -15.15 -9.56 19.68
C LEU A 86 -15.24 -8.60 20.86
N TYR A 87 -16.38 -8.59 21.58
CA TYR A 87 -16.62 -7.61 22.66
C TYR A 87 -15.61 -7.79 23.82
N PRO A 88 -15.22 -6.69 24.51
CA PRO A 88 -14.15 -6.83 25.51
C PRO A 88 -14.64 -7.15 26.92
N GLY A 89 -13.69 -7.43 27.81
CA GLY A 89 -14.01 -7.61 29.23
C GLY A 89 -13.74 -8.99 29.80
N GLN A 90 -13.48 -9.98 28.95
CA GLN A 90 -13.13 -11.31 29.46
C GLN A 90 -11.62 -11.45 29.55
N PHE A 91 -10.88 -10.38 29.23
CA PHE A 91 -9.42 -10.45 29.15
C PHE A 91 -8.78 -9.30 29.92
N LYS A 92 -7.59 -9.56 30.47
CA LYS A 92 -6.85 -8.59 31.25
C LYS A 92 -5.66 -8.08 30.44
N PRO A 93 -5.22 -6.85 30.71
CA PRO A 93 -4.07 -6.39 29.95
C PRO A 93 -2.81 -7.14 30.26
N THR A 94 -1.85 -7.07 29.35
CA THR A 94 -0.61 -7.81 29.45
C THR A 94 0.49 -6.96 30.01
N ILE A 95 1.61 -7.59 30.26
CA ILE A 95 2.79 -6.89 30.70
C ILE A 95 3.13 -5.75 29.75
N CYS A 96 2.97 -6.02 28.45
CA CYS A 96 3.27 -5.02 27.41
C CYS A 96 2.35 -3.80 27.56
N HIS A 97 1.05 -4.01 27.78
CA HIS A 97 0.16 -2.87 28.08
C HIS A 97 0.63 -2.06 29.30
N TYR A 98 1.03 -2.76 30.37
CA TYR A 98 1.46 -2.07 31.59
C TYR A 98 2.78 -1.36 31.41
N PHE A 99 3.61 -1.88 30.51
CA PHE A 99 4.85 -1.16 30.19
C PHE A 99 4.54 0.21 29.58
N MET A 100 3.53 0.26 28.72
CA MET A 100 3.10 1.54 28.18
C MET A 100 2.54 2.46 29.24
N ARG A 101 1.84 1.88 30.19
CA ARG A 101 1.36 2.63 31.36
C ARG A 101 2.53 3.24 32.09
N LEU A 102 3.58 2.47 32.25
CA LEU A 102 4.79 2.97 32.90
C LEU A 102 5.37 4.14 32.14
N LEU A 103 5.45 4.05 30.81
CA LEU A 103 5.88 5.24 30.03
C LEU A 103 5.01 6.45 30.27
N LYS A 104 3.69 6.24 30.35
CA LYS A 104 2.80 7.37 30.64
C LYS A 104 3.20 7.99 31.98
N ASP A 105 3.36 7.14 32.99
CA ASP A 105 3.56 7.60 34.37
C ASP A 105 4.95 8.21 34.56
N LYS A 106 5.89 7.85 33.69
CA LYS A 106 7.19 8.48 33.72
C LYS A 106 7.33 9.71 32.83
N GLY A 107 6.22 10.15 32.26
CA GLY A 107 6.19 11.38 31.45
C GLY A 107 6.83 11.22 30.08
N LEU A 108 6.98 9.97 29.63
CA LEU A 108 7.66 9.64 28.38
C LEU A 108 6.70 9.33 27.25
N LEU A 109 5.43 9.00 27.54
CA LEU A 109 4.51 8.63 26.48
C LEU A 109 3.86 9.84 25.79
N LEU A 110 4.26 10.11 24.57
CA LEU A 110 3.58 11.10 23.75
C LEU A 110 2.23 10.52 23.27
N ARG A 111 2.24 9.27 22.79
CA ARG A 111 1.00 8.70 22.30
C ARG A 111 1.18 7.21 22.10
N CYS A 112 0.12 6.48 22.28
CA CYS A 112 0.06 5.09 21.84
C CYS A 112 -0.92 5.02 20.70
N TYR A 113 -0.43 4.63 19.53
CA TYR A 113 -1.34 4.38 18.40
C TYR A 113 -1.59 2.90 18.37
N THR A 114 -2.86 2.51 18.49
CA THR A 114 -3.22 1.13 18.47
C THR A 114 -4.09 0.75 17.29
N GLN A 115 -3.83 -0.44 16.77
CA GLN A 115 -4.68 -0.99 15.72
C GLN A 115 -5.73 -1.94 16.33
N ASN A 116 -5.66 -2.16 17.63
CA ASN A 116 -6.52 -3.11 18.30
C ASN A 116 -7.83 -2.46 18.76
N ILE A 117 -8.85 -3.29 18.93
CA ILE A 117 -10.17 -2.84 19.40
C ILE A 117 -10.61 -3.54 20.71
N ASP A 118 -9.69 -4.28 21.33
CA ASP A 118 -9.93 -5.01 22.56
C ASP A 118 -10.00 -4.12 23.82
N THR A 119 -9.64 -2.84 23.68
CA THR A 119 -9.68 -1.80 24.71
C THR A 119 -8.72 -1.99 25.85
N LEU A 120 -7.80 -2.95 25.70
CA LEU A 120 -6.89 -3.26 26.78
C LEU A 120 -5.94 -2.14 27.16
N GLU A 121 -5.65 -1.22 26.25
CA GLU A 121 -4.82 -0.02 26.59
C GLU A 121 -5.52 0.83 27.68
N ARG A 122 -6.81 1.07 27.49
CA ARG A 122 -7.62 1.82 28.46
C ARG A 122 -7.74 1.09 29.77
N ILE A 123 -8.01 -0.22 29.69
CA ILE A 123 -8.16 -1.07 30.85
C ILE A 123 -6.84 -1.07 31.64
N ALA A 124 -5.69 -0.98 30.95
CA ALA A 124 -4.38 -0.86 31.61
C ALA A 124 -4.14 0.54 32.14
N GLY A 125 -5.04 1.47 31.88
CA GLY A 125 -4.98 2.81 32.48
C GLY A 125 -4.42 3.92 31.62
N LEU A 126 -4.24 3.69 30.32
CA LEU A 126 -3.93 4.80 29.43
C LEU A 126 -5.23 5.55 29.28
N GLU A 127 -5.15 6.87 29.21
CA GLU A 127 -6.34 7.68 29.11
C GLU A 127 -6.62 7.98 27.66
N GLN A 128 -7.82 8.51 27.43
CA GLN A 128 -8.28 8.86 26.10
C GLN A 128 -7.27 9.73 25.40
N GLU A 129 -6.77 10.76 26.06
CA GLU A 129 -5.82 11.65 25.38
C GLU A 129 -4.48 10.99 25.01
N ASP A 130 -4.07 9.95 25.73
CA ASP A 130 -2.81 9.22 25.44
C ASP A 130 -2.92 8.31 24.21
N LEU A 131 -4.16 8.07 23.76
CA LEU A 131 -4.45 7.00 22.79
C LEU A 131 -4.99 7.49 21.47
N VAL A 132 -4.54 6.82 20.42
CA VAL A 132 -5.23 6.91 19.16
C VAL A 132 -5.63 5.49 18.81
N GLU A 133 -6.93 5.24 18.85
CA GLU A 133 -7.47 3.91 18.51
C GLU A 133 -7.70 3.97 17.01
N ALA A 134 -6.63 3.65 16.28
CA ALA A 134 -6.55 3.97 14.87
C ALA A 134 -7.55 3.22 14.00
N HIS A 135 -7.91 2.04 14.44
CA HIS A 135 -8.85 1.17 13.73
C HIS A 135 -10.18 1.13 14.42
N GLY A 136 -10.44 2.17 15.20
CA GLY A 136 -11.76 2.39 15.75
C GLY A 136 -12.07 1.72 17.05
N THR A 137 -13.37 1.63 17.30
CA THR A 137 -13.89 1.23 18.59
C THR A 137 -15.24 0.53 18.46
N PHE A 138 -15.45 -0.49 19.27
CA PHE A 138 -16.75 -1.15 19.41
C PHE A 138 -17.72 -0.31 20.26
N TYR A 139 -17.19 0.72 20.93
CA TYR A 139 -17.95 1.46 21.95
C TYR A 139 -19.20 2.17 21.36
N THR A 140 -19.07 2.68 20.14
CA THR A 140 -20.18 3.31 19.42
C THR A 140 -20.43 2.61 18.08
N SER A 141 -21.62 2.81 17.53
CA SER A 141 -21.97 2.29 16.21
C SER A 141 -22.61 3.37 15.32
N HIS A 142 -22.55 3.19 14.00
CA HIS A 142 -23.11 4.16 13.05
C HIS A 142 -23.76 3.44 11.89
N CYS A 143 -24.89 3.97 11.46
CA CYS A 143 -25.50 3.61 10.20
C CYS A 143 -24.53 3.91 9.09
N VAL A 144 -24.50 3.03 8.10
CA VAL A 144 -23.49 3.06 7.04
C VAL A 144 -23.80 4.05 5.90
N SER A 145 -25.03 4.59 5.85
CA SER A 145 -25.36 5.58 4.81
C SER A 145 -24.71 6.92 5.11
N ALA A 146 -23.94 7.43 4.14
CA ALA A 146 -23.32 8.77 4.22
C ALA A 146 -24.31 9.93 4.47
N SER A 147 -25.54 9.78 4.00
CA SER A 147 -26.58 10.82 4.14
C SER A 147 -27.28 10.79 5.50
N CYS A 148 -27.06 9.72 6.27
CA CYS A 148 -27.73 9.56 7.55
C CYS A 148 -26.70 9.54 8.69
N ARG A 149 -25.92 8.46 8.79
CA ARG A 149 -24.89 8.32 9.84
C ARG A 149 -25.44 8.43 11.27
N HIS A 150 -26.66 7.96 11.50
CA HIS A 150 -27.24 8.04 12.84
C HIS A 150 -26.37 7.21 13.77
N GLU A 151 -26.06 7.77 14.93
CA GLU A 151 -25.27 7.08 15.95
C GLU A 151 -26.12 6.13 16.77
N TYR A 152 -25.53 5.02 17.19
CA TYR A 152 -26.17 4.08 18.11
C TYR A 152 -25.15 3.69 19.18
N PRO A 153 -25.58 3.55 20.45
CA PRO A 153 -24.67 3.23 21.54
C PRO A 153 -24.46 1.74 21.70
N LEU A 154 -23.53 1.38 22.57
CA LEU A 154 -23.13 0.00 22.76
C LEU A 154 -24.32 -0.93 23.03
N SER A 155 -25.21 -0.51 23.92
CA SER A 155 -26.34 -1.34 24.37
C SER A 155 -27.26 -1.76 23.21
N TRP A 156 -27.57 -0.82 22.35
CA TRP A 156 -28.42 -1.07 21.20
C TRP A 156 -27.75 -2.08 20.25
N MET A 157 -26.45 -1.90 19.99
CA MET A 157 -25.69 -2.85 19.18
C MET A 157 -25.60 -4.25 19.85
N LYS A 158 -25.28 -4.26 21.13
CA LYS A 158 -25.19 -5.52 21.88
C LYS A 158 -26.52 -6.27 21.86
N GLU A 159 -27.59 -5.53 22.15
CA GLU A 159 -28.94 -6.10 22.13
C GLU A 159 -29.23 -6.77 20.80
N LYS A 160 -28.73 -6.17 19.72
CA LYS A 160 -28.86 -6.74 18.39
C LYS A 160 -27.88 -7.89 18.13
N ILE A 161 -26.61 -7.72 18.52
CA ILE A 161 -25.59 -8.77 18.29
C ILE A 161 -26.00 -10.06 18.98
N PHE A 162 -26.33 -9.97 20.26
CA PHE A 162 -26.62 -11.16 21.06
C PHE A 162 -28.04 -11.74 20.89
N SER A 163 -28.94 -10.97 20.25
CA SER A 163 -30.25 -11.51 19.82
C SER A 163 -30.24 -12.06 18.38
N GLU A 164 -29.08 -11.97 17.70
CA GLU A 164 -28.95 -12.39 16.30
C GLU A 164 -29.98 -11.68 15.39
N VAL A 165 -30.15 -10.38 15.61
CA VAL A 165 -30.95 -9.52 14.74
C VAL A 165 -29.97 -8.62 13.96
N THR A 166 -29.92 -8.77 12.64
CA THR A 166 -29.01 -7.92 11.84
C THR A 166 -29.45 -6.47 12.04
N PRO A 167 -28.58 -5.66 12.70
CA PRO A 167 -29.01 -4.33 13.13
C PRO A 167 -29.23 -3.41 11.92
N LYS A 168 -30.45 -2.88 11.82
CA LYS A 168 -30.80 -1.91 10.79
C LYS A 168 -31.02 -0.54 11.44
N CYS A 169 -30.73 0.50 10.69
CA CYS A 169 -30.94 1.86 11.14
C CYS A 169 -32.45 2.19 11.16
N GLU A 170 -32.89 2.86 12.22
CA GLU A 170 -34.32 3.15 12.40
C GLU A 170 -34.77 4.33 11.54
N ASP A 171 -33.81 5.12 11.05
CA ASP A 171 -34.12 6.27 10.18
C ASP A 171 -34.18 5.90 8.71
N CYS A 172 -33.22 5.13 8.24
CA CYS A 172 -33.15 4.79 6.82
C CYS A 172 -33.14 3.29 6.48
N GLN A 173 -33.27 2.41 7.48
CA GLN A 173 -33.19 0.95 7.26
C GLN A 173 -31.87 0.42 6.66
N SER A 174 -30.83 1.25 6.60
CA SER A 174 -29.52 0.76 6.17
C SER A 174 -28.82 0.01 7.29
N LEU A 175 -27.86 -0.84 6.94
CA LEU A 175 -27.08 -1.58 7.93
C LEU A 175 -26.44 -0.62 8.93
N VAL A 176 -26.41 -1.04 10.21
CA VAL A 176 -25.67 -0.32 11.25
C VAL A 176 -24.50 -1.21 11.74
N LYS A 177 -23.35 -0.58 11.95
CA LYS A 177 -22.16 -1.34 12.40
C LYS A 177 -21.36 -0.65 13.50
N PRO A 178 -20.72 -1.44 14.38
CA PRO A 178 -19.78 -0.86 15.33
C PRO A 178 -18.69 -0.09 14.59
N ASP A 179 -18.20 0.99 15.22
CA ASP A 179 -17.23 1.87 14.60
C ASP A 179 -15.80 1.28 14.59
N ILE A 180 -15.69 -0.03 14.36
CA ILE A 180 -14.41 -0.65 14.04
C ILE A 180 -14.16 -0.43 12.53
N VAL A 181 -12.93 -0.08 12.19
CA VAL A 181 -12.60 0.36 10.84
C VAL A 181 -12.46 -0.89 9.97
N PHE A 182 -13.28 -0.97 8.94
CA PHE A 182 -13.22 -2.09 7.98
C PHE A 182 -12.31 -1.67 6.83
N PHE A 183 -11.83 -2.63 6.02
CA PHE A 183 -11.15 -2.30 4.75
C PHE A 183 -12.11 -1.52 3.91
N GLY A 184 -11.62 -0.39 3.41
CA GLY A 184 -12.37 0.53 2.56
C GLY A 184 -12.92 1.71 3.31
N GLU A 185 -12.90 1.68 4.64
CA GLU A 185 -13.44 2.78 5.44
C GLU A 185 -12.40 3.76 5.90
N SER A 186 -12.86 5.00 6.08
CA SER A 186 -12.06 6.06 6.66
C SER A 186 -11.66 5.78 8.09
N LEU A 187 -10.41 6.07 8.43
CA LEU A 187 -9.97 6.01 9.83
C LEU A 187 -10.54 7.25 10.58
N PRO A 188 -10.59 7.20 11.92
CA PRO A 188 -11.06 8.33 12.75
C PRO A 188 -10.26 9.60 12.52
N ALA A 189 -10.94 10.76 12.52
CA ALA A 189 -10.27 12.04 12.25
C ALA A 189 -9.08 12.30 13.17
N ARG A 190 -9.23 11.91 14.42
CA ARG A 190 -8.18 12.01 15.42
C ARG A 190 -6.85 11.35 14.98
N PHE A 191 -6.91 10.28 14.21
CA PHE A 191 -5.68 9.63 13.73
C PHE A 191 -4.81 10.62 12.97
N PHE A 192 -5.44 11.32 12.05
CA PHE A 192 -4.74 12.24 11.15
C PHE A 192 -4.27 13.49 11.86
N SER A 193 -5.11 14.03 12.74
CA SER A 193 -4.72 15.28 13.45
C SER A 193 -3.64 15.04 14.51
N CYS A 194 -3.72 13.92 15.22
CA CYS A 194 -2.64 13.61 16.16
C CYS A 194 -1.37 13.27 15.38
N MET A 195 -1.49 12.52 14.28
CA MET A 195 -0.34 12.06 13.52
C MET A 195 0.47 13.31 13.08
N GLN A 196 -0.26 14.28 12.55
CA GLN A 196 0.38 15.46 11.99
C GLN A 196 1.30 16.11 12.98
N SER A 197 0.85 16.28 14.23
CA SER A 197 1.69 17.01 15.19
C SER A 197 2.63 16.09 15.95
N ASP A 198 2.16 14.89 16.28
CA ASP A 198 2.96 13.93 17.04
C ASP A 198 4.28 13.58 16.38
N PHE A 199 4.23 13.34 15.07
CA PHE A 199 5.37 12.76 14.39
C PHE A 199 6.43 13.78 14.04
N LEU A 200 6.10 15.05 14.17
CA LEU A 200 7.12 16.06 14.20
C LEU A 200 8.05 16.04 15.43
N LYS A 201 7.62 15.44 16.54
CA LYS A 201 8.37 15.62 17.78
C LYS A 201 8.61 14.32 18.51
N VAL A 202 8.72 13.21 17.80
CA VAL A 202 8.90 11.93 18.49
C VAL A 202 10.38 11.63 18.52
N ASP A 203 10.88 11.20 19.67
CA ASP A 203 12.27 10.88 19.87
C ASP A 203 12.48 9.35 19.79
N LEU A 204 11.46 8.56 20.01
CA LEU A 204 11.60 7.07 19.86
C LEU A 204 10.27 6.50 19.41
N LEU A 205 10.30 5.57 18.45
CA LEU A 205 9.15 4.79 18.12
C LEU A 205 9.34 3.36 18.65
N LEU A 206 8.41 2.90 19.45
CA LEU A 206 8.34 1.52 19.92
C LEU A 206 7.23 0.83 19.20
N VAL A 207 7.56 -0.19 18.41
CA VAL A 207 6.59 -0.81 17.53
C VAL A 207 6.43 -2.22 18.02
N MET A 208 5.23 -2.59 18.44
CA MET A 208 5.08 -3.86 19.16
C MET A 208 3.95 -4.67 18.65
N GLY A 209 4.19 -5.96 18.39
CA GLY A 209 3.03 -6.81 18.11
C GLY A 209 2.23 -6.48 16.88
N THR A 210 2.90 -6.10 15.79
CA THR A 210 2.22 -5.82 14.55
C THR A 210 3.02 -6.33 13.36
N SER A 211 2.29 -6.86 12.37
CA SER A 211 2.95 -7.32 11.14
C SER A 211 3.21 -6.16 10.15
N LEU A 212 2.66 -4.99 10.41
CA LEU A 212 2.79 -3.82 9.52
C LEU A 212 2.33 -4.14 8.10
N GLN A 213 1.21 -4.86 8.04
CA GLN A 213 0.65 -5.27 6.77
C GLN A 213 -0.60 -4.50 6.34
N VAL A 214 -0.94 -3.39 6.99
CA VAL A 214 -2.05 -2.60 6.53
C VAL A 214 -1.73 -1.13 6.55
N GLN A 215 -2.17 -0.44 5.50
CA GLN A 215 -2.10 0.99 5.39
C GLN A 215 -3.42 1.62 5.84
N PRO A 216 -3.41 2.89 6.31
CA PRO A 216 -2.24 3.73 6.42
C PRO A 216 -1.41 3.51 7.68
N PHE A 217 -1.80 2.60 8.61
CA PHE A 217 -1.02 2.48 9.81
C PHE A 217 0.45 2.18 9.52
N ALA A 218 0.70 1.31 8.55
CA ALA A 218 2.09 0.97 8.23
C ALA A 218 2.97 2.15 7.78
N SER A 219 2.37 3.18 7.20
CA SER A 219 3.03 4.45 6.88
C SER A 219 3.57 5.22 8.08
N LEU A 220 2.99 5.01 9.27
CA LEU A 220 3.44 5.79 10.46
C LEU A 220 4.94 5.69 10.74
N ILE A 221 5.56 4.52 10.47
CA ILE A 221 6.98 4.42 10.74
C ILE A 221 7.81 5.38 9.89
N SER A 222 7.33 5.71 8.68
CA SER A 222 8.02 6.63 7.76
C SER A 222 7.73 8.10 8.06
N LYS A 223 6.79 8.35 8.95
CA LYS A 223 6.50 9.72 9.36
C LYS A 223 7.40 10.29 10.44
N ALA A 224 8.07 9.44 11.19
CA ALA A 224 9.03 9.95 12.17
C ALA A 224 10.21 10.61 11.50
N PRO A 225 10.82 11.56 12.20
CA PRO A 225 12.06 12.11 11.67
C PRO A 225 13.06 11.03 11.37
N LEU A 226 13.91 11.28 10.40
CA LEU A 226 14.92 10.30 9.95
C LEU A 226 15.88 9.85 11.04
N SER A 227 16.10 10.68 12.06
CA SER A 227 17.08 10.36 13.15
C SER A 227 16.43 9.56 14.31
N THR A 228 15.12 9.52 14.35
CA THR A 228 14.40 8.90 15.48
C THR A 228 14.58 7.40 15.41
N PRO A 229 15.19 6.79 16.44
CA PRO A 229 15.34 5.34 16.52
C PRO A 229 13.99 4.66 16.59
N ARG A 230 13.95 3.42 16.11
CA ARG A 230 12.73 2.68 16.01
C ARG A 230 13.03 1.27 16.48
N LEU A 231 12.40 0.86 17.56
CA LEU A 231 12.58 -0.45 18.15
C LEU A 231 11.35 -1.25 17.88
N LEU A 232 11.55 -2.42 17.29
CA LEU A 232 10.51 -3.37 17.09
C LEU A 232 10.64 -4.49 18.11
N ILE A 233 9.55 -4.77 18.83
CA ILE A 233 9.46 -5.92 19.72
C ILE A 233 8.36 -6.77 19.20
N ASN A 234 8.73 -7.94 18.65
CA ASN A 234 7.80 -8.73 17.89
C ASN A 234 8.33 -10.13 17.68
N LYS A 235 7.42 -11.07 17.46
CA LYS A 235 7.83 -12.47 17.18
C LYS A 235 8.73 -12.56 15.96
N GLU A 236 8.44 -11.75 14.94
CA GLU A 236 9.14 -11.83 13.66
C GLU A 236 9.52 -10.42 13.20
N LYS A 237 10.53 -10.33 12.34
CA LYS A 237 10.83 -9.07 11.68
C LYS A 237 9.60 -8.69 10.88
N ALA A 238 9.24 -7.44 10.99
CA ALA A 238 8.14 -6.87 10.27
C ALA A 238 8.65 -5.54 9.82
N GLY A 239 8.15 -5.12 8.66
CA GLY A 239 8.47 -3.84 8.08
C GLY A 239 9.78 -3.84 7.28
N GLN A 240 10.48 -4.98 7.25
CA GLN A 240 11.77 -5.08 6.54
C GLN A 240 11.65 -6.22 5.53
N SER A 241 11.73 -5.86 4.27
CA SER A 241 11.30 -6.76 3.21
C SER A 241 11.86 -6.19 1.91
N ASP A 242 12.34 -7.08 1.06
CA ASP A 242 12.66 -6.71 -0.30
C ASP A 242 11.34 -6.26 -0.98
N PRO A 243 11.44 -5.23 -1.83
CA PRO A 243 10.25 -4.86 -2.62
C PRO A 243 9.76 -5.98 -3.57
N PHE A 244 8.45 -6.00 -3.81
CA PHE A 244 7.83 -6.90 -4.74
C PHE A 244 6.48 -6.33 -5.13
N LEU A 245 5.92 -6.87 -6.19
CA LEU A 245 4.67 -6.35 -6.72
C LEU A 245 3.58 -6.77 -5.75
N GLY A 246 2.94 -5.76 -5.18
CA GLY A 246 1.89 -5.94 -4.17
C GLY A 246 2.32 -5.72 -2.74
N MET A 247 3.58 -5.36 -2.54
CA MET A 247 4.04 -5.01 -1.21
C MET A 247 3.15 -3.95 -0.58
N ILE A 248 3.06 -3.97 0.75
CA ILE A 248 2.18 -3.03 1.48
C ILE A 248 2.84 -1.67 1.66
N MET A 249 4.08 -1.70 2.10
CA MET A 249 4.86 -0.50 2.35
C MET A 249 5.13 0.22 1.07
N GLY A 250 5.19 1.54 1.15
CA GLY A 250 5.68 2.31 0.07
C GLY A 250 7.17 2.08 -0.04
N LEU A 251 7.69 2.31 -1.22
CA LEU A 251 9.08 2.08 -1.53
C LEU A 251 10.02 2.92 -0.65
N GLY A 252 10.97 2.24 0.00
CA GLY A 252 11.83 2.90 0.97
C GLY A 252 11.16 3.29 2.27
N GLY A 253 9.90 2.85 2.48
CA GLY A 253 9.13 3.25 3.67
C GLY A 253 9.24 2.34 4.91
N GLY A 254 10.01 1.26 4.79
CA GLY A 254 10.13 0.25 5.83
C GLY A 254 11.28 0.46 6.81
N MET A 255 11.49 -0.56 7.63
CA MET A 255 12.55 -0.64 8.61
C MET A 255 13.80 -1.17 7.94
N ASP A 256 14.96 -0.74 8.41
CA ASP A 256 16.23 -1.31 7.98
C ASP A 256 17.02 -1.76 9.22
N PHE A 257 16.82 -3.03 9.61
CA PHE A 257 17.54 -3.62 10.76
C PHE A 257 18.92 -4.14 10.37
N ASP A 258 19.00 -4.69 9.16
CA ASP A 258 20.10 -5.61 8.78
C ASP A 258 21.03 -5.15 7.64
N SER A 259 20.67 -4.14 6.85
CA SER A 259 21.55 -3.74 5.76
C SER A 259 22.82 -3.05 6.31
N LYS A 260 23.77 -2.84 5.40
CA LYS A 260 25.01 -2.19 5.77
C LYS A 260 24.82 -0.71 6.07
N LYS A 261 23.68 -0.15 5.67
CA LYS A 261 23.34 1.22 6.04
C LYS A 261 22.46 1.38 7.30
N ALA A 262 22.04 0.27 7.94
CA ALA A 262 21.18 0.34 9.17
C ALA A 262 21.84 1.27 10.18
N TYR A 263 21.06 2.17 10.76
CA TYR A 263 21.64 3.15 11.68
C TYR A 263 20.78 3.46 12.92
N ARG A 264 19.50 3.04 12.89
CA ARG A 264 18.56 3.44 13.93
C ARG A 264 17.43 2.48 14.27
N ASP A 265 17.35 1.33 13.57
CA ASP A 265 16.24 0.41 13.74
C ASP A 265 16.77 -0.83 14.41
N VAL A 266 16.04 -1.31 15.41
CA VAL A 266 16.41 -2.47 16.21
C VAL A 266 15.24 -3.44 16.26
N ALA A 267 15.53 -4.72 15.99
CA ALA A 267 14.52 -5.77 16.12
C ALA A 267 14.88 -6.67 17.28
N TRP A 268 14.00 -6.72 18.27
CA TRP A 268 14.15 -7.64 19.39
C TRP A 268 13.10 -8.70 19.13
N LEU A 269 13.53 -9.93 18.88
CA LEU A 269 12.61 -10.96 18.45
C LEU A 269 12.23 -11.93 19.60
N GLY A 270 10.95 -12.04 19.87
CA GLY A 270 10.42 -12.82 20.98
C GLY A 270 9.06 -12.31 21.36
N GLU A 271 8.56 -12.74 22.51
CA GLU A 271 7.25 -12.39 22.95
C GLU A 271 7.30 -10.93 23.43
N CYS A 272 6.27 -10.18 23.15
CA CYS A 272 6.22 -8.77 23.58
C CYS A 272 6.38 -8.59 25.11
N ASP A 273 5.72 -9.44 25.90
CA ASP A 273 5.83 -9.36 27.35
C ASP A 273 7.30 -9.52 27.77
N GLN A 274 7.96 -10.55 27.26
CA GLN A 274 9.38 -10.78 27.57
C GLN A 274 10.26 -9.62 27.14
N GLY A 275 9.96 -9.01 26.00
CA GLY A 275 10.83 -7.95 25.50
C GLY A 275 10.65 -6.72 26.37
N CYS A 276 9.40 -6.44 26.77
CA CYS A 276 9.12 -5.31 27.68
C CYS A 276 9.76 -5.53 29.08
N LEU A 277 9.73 -6.78 29.60
CA LEU A 277 10.42 -7.11 30.85
C LEU A 277 11.88 -6.87 30.69
N ALA A 278 12.44 -7.33 29.57
CA ALA A 278 13.86 -7.16 29.28
C ALA A 278 14.24 -5.70 29.24
N LEU A 279 13.39 -4.89 28.62
CA LEU A 279 13.72 -3.49 28.46
C LEU A 279 13.56 -2.82 29.80
N ALA A 280 12.51 -3.20 30.52
CA ALA A 280 12.26 -2.61 31.81
C ALA A 280 13.45 -2.91 32.75
N GLU A 281 13.98 -4.12 32.65
CA GLU A 281 15.13 -4.50 33.47
C GLU A 281 16.31 -3.54 33.20
N LEU A 282 16.63 -3.36 31.93
CA LEU A 282 17.70 -2.49 31.50
C LEU A 282 17.52 -1.05 31.99
N LEU A 283 16.28 -0.60 32.12
CA LEU A 283 15.97 0.76 32.54
C LEU A 283 15.87 0.89 34.07
N GLY A 284 15.85 -0.23 34.79
CA GLY A 284 15.74 -0.21 36.24
C GLY A 284 14.29 -0.18 36.70
N TRP A 285 13.36 -0.54 35.81
CA TRP A 285 11.93 -0.49 36.09
C TRP A 285 11.29 -1.84 36.31
N LYS A 286 12.06 -2.91 36.31
CA LYS A 286 11.42 -4.23 36.22
C LYS A 286 10.49 -4.51 37.41
N LYS A 287 10.97 -4.27 38.63
CA LYS A 287 10.18 -4.49 39.84
C LYS A 287 8.94 -3.60 39.86
N GLU A 288 9.12 -2.32 39.53
CA GLU A 288 7.98 -1.44 39.42
C GLU A 288 6.92 -2.00 38.46
N LEU A 289 7.37 -2.46 37.30
CA LEU A 289 6.47 -3.05 36.32
C LEU A 289 5.78 -4.32 36.84
N GLU A 290 6.55 -5.21 37.44
CA GLU A 290 5.92 -6.47 37.97
C GLU A 290 4.89 -6.17 39.04
N ASP A 291 5.19 -5.19 39.89
CA ASP A 291 4.29 -4.79 40.97
C ASP A 291 3.00 -4.19 40.43
N LEU A 292 3.15 -3.37 39.38
CA LEU A 292 2.00 -2.74 38.74
C LEU A 292 1.09 -3.80 38.14
N VAL A 293 1.69 -4.75 37.45
CA VAL A 293 0.91 -5.83 36.84
C VAL A 293 0.17 -6.61 37.93
N ARG A 294 0.90 -7.01 38.96
CA ARG A 294 0.34 -7.82 40.07
C ARG A 294 -0.83 -7.04 40.70
N ARG A 295 -0.55 -5.81 41.09
CA ARG A 295 -1.57 -4.93 41.64
C ARG A 295 -2.81 -4.78 40.74
N GLU A 296 -2.60 -4.41 39.48
CA GLU A 296 -3.74 -4.08 38.62
C GLU A 296 -4.54 -5.33 38.25
N HIS A 297 -3.88 -6.46 38.11
CA HIS A 297 -4.60 -7.72 37.92
C HIS A 297 -5.50 -8.07 39.12
N ALA A 298 -4.99 -7.80 40.32
CA ALA A 298 -5.77 -8.01 41.54
C ALA A 298 -6.97 -7.06 41.61
N SER A 299 -6.78 -5.76 41.33
CA SER A 299 -7.91 -4.81 41.33
C SER A 299 -9.03 -5.28 40.40
N ILE A 300 -8.63 -5.78 39.24
CA ILE A 300 -9.59 -6.24 38.23
C ILE A 300 -10.40 -7.42 38.77
N ASP A 301 -9.73 -8.38 39.38
CA ASP A 301 -10.43 -9.54 39.94
C ASP A 301 -11.42 -9.14 41.04
N ALA A 302 -11.12 -8.08 41.78
CA ALA A 302 -12.04 -7.55 42.77
C ALA A 302 -13.36 -7.10 42.14
N GLN A 303 -13.31 -6.09 41.27
CA GLN A 303 -14.54 -5.54 40.66
C GLN A 303 -15.10 -6.45 39.56
N MET B 3 8.23 22.49 -1.22
CA MET B 3 6.89 23.18 -1.28
C MET B 3 6.89 24.46 -2.12
N GLU B 4 7.86 24.62 -3.01
CA GLU B 4 7.92 25.76 -3.93
C GLU B 4 6.95 25.51 -5.09
N ARG B 5 6.21 26.57 -5.46
CA ARG B 5 5.19 26.46 -6.49
C ARG B 5 5.70 26.93 -7.84
N LEU B 6 5.74 26.03 -8.82
CA LEU B 6 6.26 26.34 -10.14
C LEU B 6 5.17 26.68 -11.15
N LEU B 7 4.06 25.96 -11.12
CA LEU B 7 2.92 26.26 -12.00
C LEU B 7 2.29 27.60 -11.64
N ASP B 8 1.91 28.38 -12.65
CA ASP B 8 1.24 29.67 -12.41
C ASP B 8 -0.28 29.50 -12.18
N GLU B 9 -0.86 28.46 -12.75
CA GLU B 9 -2.20 27.98 -12.35
C GLU B 9 -2.29 26.44 -12.45
N LEU B 10 -3.20 25.85 -11.68
CA LEU B 10 -3.30 24.39 -11.60
C LEU B 10 -4.24 23.86 -12.70
N THR B 11 -3.80 24.00 -13.94
CA THR B 11 -4.59 23.64 -15.12
C THR B 11 -3.61 23.18 -16.17
N LEU B 12 -4.16 22.54 -17.20
CA LEU B 12 -3.40 22.10 -18.34
C LEU B 12 -2.66 23.26 -19.03
N GLU B 13 -3.29 24.44 -19.01
CA GLU B 13 -2.70 25.65 -19.62
C GLU B 13 -1.45 26.06 -18.84
N GLY B 14 -1.55 26.06 -17.51
CA GLY B 14 -0.41 26.31 -16.64
C GLY B 14 0.74 25.35 -16.89
N VAL B 15 0.40 24.06 -17.03
CA VAL B 15 1.41 23.04 -17.29
C VAL B 15 2.08 23.28 -18.63
N ALA B 16 1.27 23.54 -19.66
CA ALA B 16 1.85 23.90 -20.96
C ALA B 16 2.87 25.05 -20.86
N ARG B 17 2.51 26.11 -20.14
CA ARG B 17 3.39 27.29 -19.98
C ARG B 17 4.67 26.92 -19.27
N TYR B 18 4.54 26.14 -18.20
CA TYR B 18 5.69 25.65 -17.47
C TYR B 18 6.57 24.83 -18.42
N MET B 19 5.94 23.97 -19.22
CA MET B 19 6.68 23.14 -20.18
C MET B 19 7.46 23.99 -21.20
N GLN B 20 6.93 25.18 -21.49
CA GLN B 20 7.61 26.15 -22.37
C GLN B 20 8.71 26.95 -21.66
N SER B 21 8.68 27.02 -20.33
CA SER B 21 9.74 27.69 -19.57
C SER B 21 11.10 26.98 -19.71
N GLU B 22 12.16 27.73 -19.44
CA GLU B 22 13.51 27.19 -19.48
C GLU B 22 13.68 26.06 -18.46
N ARG B 23 13.01 26.22 -17.33
CA ARG B 23 13.09 25.31 -16.20
C ARG B 23 12.64 23.85 -16.47
N CYS B 24 11.77 23.63 -17.46
CA CYS B 24 11.27 22.29 -17.75
C CYS B 24 12.13 21.54 -18.78
N ARG B 25 13.19 20.89 -18.29
CA ARG B 25 14.13 20.13 -19.10
C ARG B 25 13.87 18.61 -19.13
N ARG B 26 13.42 18.05 -18.01
CA ARG B 26 13.35 16.60 -17.87
C ARG B 26 11.95 16.16 -17.45
N VAL B 27 11.32 15.40 -18.32
CA VAL B 27 9.96 14.89 -18.08
C VAL B 27 10.00 13.37 -17.93
N ILE B 28 9.36 12.87 -16.89
CA ILE B 28 9.16 11.42 -16.72
C ILE B 28 7.65 11.15 -16.89
N CYS B 29 7.35 10.16 -17.71
CA CYS B 29 5.99 9.68 -17.87
C CYS B 29 5.82 8.40 -17.07
N LEU B 30 4.65 8.28 -16.42
CA LEU B 30 4.30 7.13 -15.61
C LEU B 30 2.99 6.68 -16.18
N VAL B 31 2.99 5.52 -16.80
CA VAL B 31 1.79 5.13 -17.57
C VAL B 31 1.30 3.71 -17.20
N GLY B 32 0.01 3.50 -17.42
CA GLY B 32 -0.57 2.20 -17.25
C GLY B 32 -1.54 1.86 -18.39
N ALA B 33 -2.37 0.88 -18.12
CA ALA B 33 -3.14 0.22 -19.15
C ALA B 33 -4.16 1.14 -19.76
N GLY B 34 -4.50 2.24 -19.10
CA GLY B 34 -5.40 3.22 -19.69
C GLY B 34 -4.94 3.89 -20.96
N ILE B 35 -3.63 3.90 -21.18
CA ILE B 35 -3.12 4.49 -22.40
C ILE B 35 -3.25 3.53 -23.61
N SER B 36 -3.59 2.26 -23.39
CA SER B 36 -3.72 1.33 -24.48
C SER B 36 -5.16 0.87 -24.75
N THR B 37 -6.12 1.36 -23.98
CA THR B 37 -7.52 0.97 -24.20
C THR B 37 -8.07 1.48 -25.54
N SER B 38 -7.69 2.68 -25.96
CA SER B 38 -8.15 3.19 -27.25
C SER B 38 -7.56 2.41 -28.42
N ALA B 39 -6.45 1.69 -28.20
CA ALA B 39 -5.91 0.76 -29.20
C ALA B 39 -6.67 -0.59 -29.27
N GLY B 40 -7.61 -0.83 -28.37
CA GLY B 40 -8.33 -2.10 -28.33
C GLY B 40 -7.87 -3.06 -27.25
N ILE B 41 -7.01 -2.61 -26.33
CA ILE B 41 -6.58 -3.49 -25.26
C ILE B 41 -7.32 -3.11 -23.98
N PRO B 42 -8.17 -4.02 -23.44
CA PRO B 42 -8.83 -3.72 -22.16
C PRO B 42 -7.81 -3.45 -21.04
N ASP B 43 -8.18 -2.57 -20.11
CA ASP B 43 -7.40 -2.36 -18.89
C ASP B 43 -7.68 -3.48 -17.83
N PHE B 44 -7.25 -3.27 -16.59
CA PHE B 44 -7.45 -4.25 -15.55
C PHE B 44 -8.70 -4.01 -14.73
N ARG B 45 -8.83 -2.77 -14.25
CA ARG B 45 -9.74 -2.49 -13.15
C ARG B 45 -11.00 -1.71 -13.57
N SER B 46 -11.20 -1.41 -14.84
CA SER B 46 -12.45 -0.71 -15.20
C SER B 46 -13.66 -1.66 -15.02
N PRO B 47 -14.74 -1.16 -14.40
CA PRO B 47 -15.94 -2.05 -14.24
C PRO B 47 -16.40 -2.63 -15.59
N SER B 48 -16.77 -3.90 -15.60
CA SER B 48 -17.31 -4.59 -16.79
C SER B 48 -16.38 -4.91 -17.93
N THR B 49 -15.59 -3.93 -18.37
CA THR B 49 -14.70 -4.09 -19.51
C THR B 49 -13.32 -4.59 -19.07
N GLY B 50 -12.91 -4.26 -17.86
CA GLY B 50 -11.53 -4.55 -17.45
C GLY B 50 -11.32 -6.05 -17.28
N LEU B 51 -10.07 -6.46 -17.45
CA LEU B 51 -9.72 -7.87 -17.39
C LEU B 51 -10.19 -8.52 -16.10
N TYR B 52 -10.04 -7.82 -14.94
CA TYR B 52 -10.34 -8.44 -13.68
C TYR B 52 -11.84 -8.75 -13.51
N ASP B 53 -12.70 -8.09 -14.28
CA ASP B 53 -14.12 -8.36 -14.22
C ASP B 53 -14.52 -9.42 -15.28
N ASN B 54 -13.55 -10.05 -15.95
CA ASN B 54 -13.83 -10.99 -17.01
C ASN B 54 -13.06 -12.30 -16.98
N LEU B 55 -12.85 -12.83 -15.78
CA LEU B 55 -12.07 -14.06 -15.61
C LEU B 55 -12.90 -15.22 -15.05
N GLU B 56 -14.20 -15.06 -15.08
CA GLU B 56 -15.11 -16.00 -14.41
C GLU B 56 -14.85 -17.45 -14.85
N LYS B 57 -14.60 -17.66 -16.14
CA LYS B 57 -14.40 -19.03 -16.63
C LYS B 57 -13.15 -19.75 -16.06
N TYR B 58 -12.21 -19.01 -15.48
CA TYR B 58 -11.02 -19.63 -14.88
C TYR B 58 -11.23 -20.07 -13.46
N HIS B 59 -12.38 -19.74 -12.88
CA HIS B 59 -12.75 -20.19 -11.55
C HIS B 59 -11.67 -19.91 -10.51
N LEU B 60 -11.31 -18.64 -10.42
CA LEU B 60 -10.24 -18.16 -9.58
C LEU B 60 -10.83 -17.78 -8.24
N PRO B 61 -10.04 -17.92 -7.15
CA PRO B 61 -10.48 -17.45 -5.87
C PRO B 61 -10.70 -15.91 -5.84
N TYR B 62 -9.92 -15.17 -6.60
CA TYR B 62 -10.11 -13.72 -6.73
C TYR B 62 -9.35 -13.34 -7.96
N PRO B 63 -9.72 -12.22 -8.60
CA PRO B 63 -9.25 -12.08 -9.94
C PRO B 63 -7.73 -12.04 -10.07
N GLU B 64 -7.07 -11.42 -9.09
CA GLU B 64 -5.60 -11.21 -9.16
C GLU B 64 -4.79 -12.53 -9.09
N ALA B 65 -5.45 -13.60 -8.67
CA ALA B 65 -4.80 -14.90 -8.57
C ALA B 65 -4.12 -15.37 -9.86
N ILE B 66 -4.68 -14.99 -10.99
CA ILE B 66 -4.12 -15.37 -12.28
C ILE B 66 -2.74 -14.77 -12.53
N PHE B 67 -2.38 -13.72 -11.78
CA PHE B 67 -1.03 -13.15 -11.91
C PHE B 67 -0.33 -13.20 -10.55
N GLU B 68 -0.65 -14.19 -9.71
CA GLU B 68 -0.05 -14.32 -8.38
C GLU B 68 0.86 -15.51 -8.41
N ILE B 69 2.09 -15.30 -7.97
CA ILE B 69 3.11 -16.30 -8.24
C ILE B 69 2.81 -17.64 -7.55
N SER B 70 2.28 -17.64 -6.33
CA SER B 70 2.08 -18.94 -5.63
C SER B 70 0.89 -19.68 -6.22
N TYR B 71 -0.18 -18.95 -6.56
CA TYR B 71 -1.29 -19.53 -7.32
C TYR B 71 -0.87 -20.14 -8.65
N PHE B 72 -0.09 -19.38 -9.42
CA PHE B 72 0.48 -19.84 -10.64
C PHE B 72 1.21 -21.18 -10.54
N LYS B 73 2.10 -21.33 -9.57
CA LYS B 73 2.88 -22.57 -9.47
C LYS B 73 1.98 -23.78 -9.19
N LYS B 74 0.93 -23.57 -8.43
CA LYS B 74 0.00 -24.61 -8.06
C LYS B 74 -0.97 -24.88 -9.19
N HIS B 75 -1.39 -23.80 -9.88
CA HIS B 75 -2.35 -23.88 -10.98
C HIS B 75 -1.92 -23.00 -12.21
N PRO B 76 -0.96 -23.50 -13.02
CA PRO B 76 -0.44 -22.63 -14.07
C PRO B 76 -1.36 -22.53 -15.28
N GLU B 77 -2.30 -23.47 -15.39
CA GLU B 77 -3.12 -23.62 -16.59
C GLU B 77 -3.96 -22.34 -16.91
N PRO B 78 -4.64 -21.74 -15.91
CA PRO B 78 -5.43 -20.56 -16.26
C PRO B 78 -4.59 -19.41 -16.86
N PHE B 79 -3.45 -19.08 -16.26
CA PHE B 79 -2.57 -18.07 -16.83
C PHE B 79 -2.14 -18.39 -18.28
N PHE B 80 -1.68 -19.61 -18.53
CA PHE B 80 -1.26 -19.96 -19.89
C PHE B 80 -2.42 -19.96 -20.92
N ALA B 81 -3.64 -20.25 -20.47
CA ALA B 81 -4.82 -20.13 -21.33
C ALA B 81 -5.06 -18.65 -21.64
N LEU B 82 -5.07 -17.81 -20.61
CA LEU B 82 -5.22 -16.37 -20.84
C LEU B 82 -4.11 -15.80 -21.72
N ALA B 83 -2.89 -16.30 -21.59
CA ALA B 83 -1.70 -15.76 -22.29
C ALA B 83 -1.72 -15.66 -23.84
N LYS B 84 -2.70 -16.30 -24.48
CA LYS B 84 -2.87 -16.18 -25.93
C LYS B 84 -3.30 -14.77 -26.32
N GLU B 85 -4.25 -14.25 -25.56
CA GLU B 85 -4.71 -12.89 -25.71
C GLU B 85 -3.59 -11.89 -25.39
N LEU B 86 -2.72 -12.26 -24.45
CA LEU B 86 -1.68 -11.37 -23.90
C LEU B 86 -0.43 -11.08 -24.76
N TYR B 87 -0.06 -12.00 -25.65
CA TYR B 87 1.13 -11.80 -26.49
C TYR B 87 0.96 -10.50 -27.30
N PRO B 88 1.97 -9.59 -27.24
CA PRO B 88 1.82 -8.32 -27.96
C PRO B 88 1.93 -8.49 -29.48
N GLY B 89 1.25 -7.63 -30.24
CA GLY B 89 1.33 -7.70 -31.71
C GLY B 89 0.23 -7.01 -32.51
N GLN B 90 -1.02 -7.42 -32.31
CA GLN B 90 -2.14 -7.02 -33.20
C GLN B 90 -2.54 -5.57 -33.13
N PHE B 91 -2.07 -4.85 -32.11
CA PHE B 91 -2.55 -3.50 -31.86
C PHE B 91 -1.51 -2.45 -32.26
N LYS B 92 -1.99 -1.24 -32.51
CA LYS B 92 -1.13 -0.16 -32.89
C LYS B 92 -1.06 0.84 -31.75
N PRO B 93 0.07 1.51 -31.60
CA PRO B 93 0.14 2.51 -30.56
C PRO B 93 -0.85 3.60 -30.77
N THR B 94 -1.15 4.30 -29.69
CA THR B 94 -2.15 5.32 -29.66
C THR B 94 -1.52 6.69 -29.76
N ILE B 95 -2.39 7.66 -29.98
CA ILE B 95 -1.99 9.07 -29.93
C ILE B 95 -1.09 9.33 -28.72
N CYS B 96 -1.47 8.81 -27.57
CA CYS B 96 -0.73 8.99 -26.31
C CYS B 96 0.71 8.46 -26.43
N HIS B 97 0.86 7.24 -26.95
CA HIS B 97 2.18 6.69 -27.16
C HIS B 97 3.02 7.58 -28.06
N TYR B 98 2.38 8.12 -29.11
CA TYR B 98 3.10 9.01 -30.04
C TYR B 98 3.40 10.36 -29.40
N PHE B 99 2.53 10.81 -28.50
CA PHE B 99 2.84 12.02 -27.75
C PHE B 99 4.14 11.85 -26.95
N MET B 100 4.37 10.65 -26.44
CA MET B 100 5.61 10.36 -25.73
C MET B 100 6.83 10.29 -26.67
N ARG B 101 6.62 9.72 -27.86
CA ARG B 101 7.62 9.73 -28.93
C ARG B 101 8.12 11.17 -29.25
N LEU B 102 7.16 12.07 -29.30
CA LEU B 102 7.43 13.49 -29.54
C LEU B 102 8.25 14.06 -28.40
N LEU B 103 7.89 13.71 -27.15
CA LEU B 103 8.72 14.08 -26.01
C LEU B 103 10.17 13.59 -26.16
N LYS B 104 10.34 12.34 -26.58
CA LYS B 104 11.64 11.80 -26.84
C LYS B 104 12.36 12.61 -27.92
N ASP B 105 11.67 12.88 -29.04
CA ASP B 105 12.31 13.53 -30.19
C ASP B 105 12.59 15.01 -29.94
N LYS B 106 11.77 15.67 -29.11
CA LYS B 106 12.06 17.05 -28.67
C LYS B 106 13.08 17.14 -27.53
N GLY B 107 13.70 16.01 -27.18
CA GLY B 107 14.70 15.96 -26.12
C GLY B 107 14.22 16.20 -24.69
N LEU B 108 12.92 16.08 -24.45
CA LEU B 108 12.33 16.33 -23.13
C LEU B 108 12.16 15.06 -22.29
N LEU B 109 12.08 13.90 -22.93
CA LEU B 109 11.74 12.68 -22.20
C LEU B 109 12.93 12.14 -21.47
N LEU B 110 12.96 12.30 -20.15
CA LEU B 110 13.97 11.62 -19.35
C LEU B 110 13.74 10.10 -19.35
N ARG B 111 12.49 9.69 -19.09
CA ARG B 111 12.18 8.26 -19.04
C ARG B 111 10.67 8.08 -19.11
N CYS B 112 10.25 7.00 -19.73
CA CYS B 112 8.86 6.53 -19.57
C CYS B 112 8.89 5.24 -18.72
N TYR B 113 8.25 5.30 -17.56
CA TYR B 113 8.02 4.12 -16.70
C TYR B 113 6.66 3.59 -17.02
N THR B 114 6.62 2.36 -17.50
CA THR B 114 5.32 1.76 -17.91
C THR B 114 5.03 0.52 -17.06
N GLN B 115 3.76 0.34 -16.73
CA GLN B 115 3.32 -0.86 -16.09
C GLN B 115 2.80 -1.87 -17.13
N ASN B 116 2.76 -1.46 -18.40
CA ASN B 116 2.18 -2.31 -19.44
C ASN B 116 3.19 -3.28 -19.99
N ILE B 117 2.66 -4.39 -20.49
CA ILE B 117 3.46 -5.40 -21.15
C ILE B 117 3.10 -5.55 -22.64
N ASP B 118 2.36 -4.58 -23.19
CA ASP B 118 1.89 -4.64 -24.59
C ASP B 118 2.93 -4.25 -25.67
N THR B 119 4.02 -3.63 -25.23
CA THR B 119 5.16 -3.18 -26.08
C THR B 119 4.83 -1.99 -26.93
N LEU B 120 3.67 -1.36 -26.73
CA LEU B 120 3.28 -0.30 -27.63
C LEU B 120 4.23 0.89 -27.56
N GLU B 121 4.92 1.06 -26.45
CA GLU B 121 5.86 2.15 -26.32
C GLU B 121 7.00 1.93 -27.28
N ARG B 122 7.50 0.70 -27.36
CA ARG B 122 8.58 0.38 -28.33
C ARG B 122 8.07 0.52 -29.76
N ILE B 123 6.86 0.05 -30.01
CA ILE B 123 6.30 0.15 -31.37
C ILE B 123 6.18 1.63 -31.77
N ALA B 124 5.81 2.52 -30.85
CA ALA B 124 5.76 3.97 -31.15
C ALA B 124 7.12 4.62 -31.35
N GLY B 125 8.20 3.90 -31.03
CA GLY B 125 9.56 4.38 -31.28
C GLY B 125 10.35 4.77 -30.05
N LEU B 126 9.85 4.43 -28.86
CA LEU B 126 10.69 4.58 -27.69
C LEU B 126 11.70 3.45 -27.72
N GLU B 127 12.95 3.76 -27.37
CA GLU B 127 14.02 2.79 -27.36
C GLU B 127 14.20 2.27 -25.95
N GLN B 128 14.92 1.16 -25.83
CA GLN B 128 15.25 0.56 -24.55
C GLN B 128 15.68 1.56 -23.51
N GLU B 129 16.54 2.49 -23.89
CA GLU B 129 17.09 3.41 -22.91
C GLU B 129 16.06 4.41 -22.38
N ASP B 130 15.05 4.72 -23.17
CA ASP B 130 14.01 5.68 -22.73
C ASP B 130 12.99 5.04 -21.81
N LEU B 131 13.05 3.71 -21.67
CA LEU B 131 11.97 2.93 -21.07
C LEU B 131 12.37 2.15 -19.86
N VAL B 132 11.47 2.14 -18.88
CA VAL B 132 11.53 1.19 -17.79
C VAL B 132 10.24 0.42 -17.87
N GLU B 133 10.35 -0.86 -18.25
CA GLU B 133 9.21 -1.76 -18.32
C GLU B 133 9.07 -2.33 -16.96
N ALA B 134 8.40 -1.55 -16.11
CA ALA B 134 8.36 -1.84 -14.68
C ALA B 134 7.76 -3.17 -14.27
N HIS B 135 6.79 -3.63 -15.04
CA HIS B 135 6.13 -4.88 -14.75
C HIS B 135 6.51 -5.96 -15.72
N GLY B 136 7.69 -5.79 -16.31
CA GLY B 136 8.29 -6.83 -17.11
C GLY B 136 7.89 -6.79 -18.58
N THR B 137 8.10 -7.92 -19.24
CA THR B 137 7.97 -8.05 -20.64
C THR B 137 7.71 -9.50 -21.03
N PHE B 138 7.05 -9.70 -22.17
CA PHE B 138 6.94 -11.05 -22.77
C PHE B 138 8.18 -11.49 -23.53
N TYR B 139 9.05 -10.54 -23.89
CA TYR B 139 10.13 -10.78 -24.83
C TYR B 139 10.96 -11.97 -24.41
N THR B 140 11.30 -12.00 -23.13
CA THR B 140 12.07 -13.09 -22.56
C THR B 140 11.21 -13.85 -21.56
N SER B 141 11.60 -15.10 -21.32
CA SER B 141 10.95 -15.98 -20.34
C SER B 141 12.04 -16.67 -19.51
N HIS B 142 11.75 -16.94 -18.24
CA HIS B 142 12.71 -17.62 -17.38
C HIS B 142 12.11 -18.77 -16.59
N CYS B 143 12.97 -19.73 -16.29
CA CYS B 143 12.64 -20.80 -15.36
C CYS B 143 12.41 -20.19 -13.97
N VAL B 144 11.33 -20.60 -13.33
CA VAL B 144 10.95 -20.01 -12.02
C VAL B 144 11.85 -20.44 -10.84
N SER B 145 12.45 -21.62 -10.91
CA SER B 145 13.36 -22.07 -9.86
C SER B 145 14.55 -21.12 -9.71
N ALA B 146 14.76 -20.60 -8.50
CA ALA B 146 15.79 -19.59 -8.21
C ALA B 146 17.23 -20.13 -8.26
N SER B 147 17.41 -21.45 -8.18
CA SER B 147 18.75 -22.03 -8.29
C SER B 147 19.18 -22.25 -9.74
N CYS B 148 18.27 -22.05 -10.68
CA CYS B 148 18.52 -22.42 -12.08
C CYS B 148 18.39 -21.23 -13.03
N ARG B 149 17.19 -20.64 -13.09
CA ARG B 149 16.95 -19.40 -13.83
C ARG B 149 17.23 -19.47 -15.34
N HIS B 150 17.17 -20.67 -15.93
CA HIS B 150 17.39 -20.85 -17.38
C HIS B 150 16.56 -19.80 -18.12
N GLU B 151 17.14 -19.16 -19.14
CA GLU B 151 16.39 -18.25 -20.02
C GLU B 151 15.89 -18.95 -21.28
N TYR B 152 14.68 -18.60 -21.70
CA TYR B 152 14.12 -19.12 -22.94
C TYR B 152 13.64 -17.94 -23.79
N PRO B 153 13.85 -18.01 -25.11
CA PRO B 153 13.50 -16.86 -25.96
C PRO B 153 12.02 -16.84 -26.26
N LEU B 154 11.54 -15.73 -26.80
CA LEU B 154 10.12 -15.57 -27.10
C LEU B 154 9.58 -16.76 -27.87
N SER B 155 10.24 -17.14 -28.94
CA SER B 155 9.72 -18.20 -29.82
C SER B 155 9.52 -19.52 -29.07
N TRP B 156 10.45 -19.86 -28.17
CA TRP B 156 10.33 -21.08 -27.33
C TRP B 156 9.08 -21.03 -26.44
N MET B 157 8.79 -19.86 -25.88
CA MET B 157 7.58 -19.63 -25.05
C MET B 157 6.30 -19.68 -25.89
N LYS B 158 6.35 -19.13 -27.10
CA LYS B 158 5.17 -19.15 -27.97
C LYS B 158 4.85 -20.59 -28.43
N GLU B 159 5.88 -21.29 -28.92
CA GLU B 159 5.78 -22.71 -29.23
C GLU B 159 5.02 -23.42 -28.10
N LYS B 160 5.47 -23.18 -26.88
CA LYS B 160 4.86 -23.78 -25.72
C LYS B 160 3.45 -23.22 -25.48
N ILE B 161 3.29 -21.90 -25.52
CA ILE B 161 1.96 -21.27 -25.29
C ILE B 161 0.93 -21.88 -26.23
N PHE B 162 1.21 -21.80 -27.53
CA PHE B 162 0.22 -22.09 -28.57
C PHE B 162 0.02 -23.59 -28.86
N SER B 163 1.04 -24.40 -28.59
CA SER B 163 0.86 -25.86 -28.58
C SER B 163 0.08 -26.33 -27.33
N GLU B 164 -0.18 -25.40 -26.41
CA GLU B 164 -0.97 -25.66 -25.20
C GLU B 164 -0.38 -26.78 -24.35
N VAL B 165 0.95 -26.82 -24.31
CA VAL B 165 1.69 -27.59 -23.33
C VAL B 165 2.21 -26.54 -22.34
N THR B 166 2.20 -26.87 -21.06
CA THR B 166 2.66 -25.96 -20.04
C THR B 166 4.20 -25.86 -20.05
N PRO B 167 4.75 -24.65 -20.27
CA PRO B 167 6.21 -24.49 -20.36
C PRO B 167 7.01 -25.09 -19.20
N LYS B 168 7.85 -26.08 -19.49
CA LYS B 168 8.71 -26.72 -18.50
C LYS B 168 10.17 -26.45 -18.78
N CYS B 169 10.95 -26.17 -17.75
CA CYS B 169 12.39 -25.99 -17.89
C CYS B 169 13.05 -27.29 -18.35
N GLU B 170 13.90 -27.19 -19.35
CA GLU B 170 14.53 -28.38 -19.90
C GLU B 170 15.60 -28.95 -18.96
N ASP B 171 16.29 -28.09 -18.23
CA ASP B 171 17.26 -28.53 -17.21
C ASP B 171 16.59 -29.15 -15.97
N CYS B 172 15.78 -28.35 -15.28
CA CYS B 172 15.35 -28.71 -13.94
C CYS B 172 13.84 -28.97 -13.81
N GLN B 173 13.10 -28.86 -14.91
CA GLN B 173 11.67 -29.20 -14.98
C GLN B 173 10.70 -28.27 -14.22
N SER B 174 11.22 -27.23 -13.56
CA SER B 174 10.35 -26.21 -12.99
C SER B 174 9.55 -25.50 -14.09
N LEU B 175 8.54 -24.74 -13.68
CA LEU B 175 7.78 -23.95 -14.64
C LEU B 175 8.69 -22.88 -15.27
N VAL B 176 8.41 -22.57 -16.52
CA VAL B 176 9.01 -21.43 -17.21
C VAL B 176 7.93 -20.38 -17.43
N LYS B 177 8.29 -19.13 -17.20
CA LYS B 177 7.33 -18.07 -17.14
C LYS B 177 7.83 -16.89 -17.99
N PRO B 178 6.95 -16.25 -18.78
CA PRO B 178 7.34 -14.96 -19.37
C PRO B 178 7.74 -14.00 -18.28
N ASP B 179 8.68 -13.12 -18.57
CA ASP B 179 9.23 -12.19 -17.58
C ASP B 179 8.29 -11.06 -17.24
N ILE B 180 7.01 -11.35 -17.14
CA ILE B 180 6.09 -10.33 -16.65
C ILE B 180 6.03 -10.50 -15.13
N VAL B 181 5.85 -9.40 -14.42
CA VAL B 181 5.98 -9.43 -12.96
C VAL B 181 4.61 -9.83 -12.39
N PHE B 182 4.58 -10.93 -11.66
CA PHE B 182 3.39 -11.35 -10.92
C PHE B 182 3.40 -10.75 -9.53
N PHE B 183 2.23 -10.71 -8.92
CA PHE B 183 2.11 -10.38 -7.53
C PHE B 183 3.01 -11.32 -6.73
N GLY B 184 3.80 -10.72 -5.84
CA GLY B 184 4.75 -11.45 -5.03
C GLY B 184 6.12 -11.56 -5.62
N GLU B 185 6.34 -11.11 -6.84
CA GLU B 185 7.66 -11.24 -7.49
C GLU B 185 8.35 -9.92 -7.43
N SER B 186 9.67 -9.99 -7.50
CA SER B 186 10.46 -8.78 -7.55
C SER B 186 10.36 -8.10 -8.93
N LEU B 187 10.50 -6.79 -8.95
CA LEU B 187 10.47 -6.02 -10.15
C LEU B 187 11.85 -6.09 -10.79
N PRO B 188 11.98 -5.74 -12.08
CA PRO B 188 13.29 -5.80 -12.75
C PRO B 188 14.31 -4.88 -12.07
N ALA B 189 15.55 -5.35 -12.03
CA ALA B 189 16.61 -4.58 -11.41
C ALA B 189 16.69 -3.17 -11.99
N ARG B 190 16.48 -3.04 -13.28
CA ARG B 190 16.45 -1.75 -13.95
C ARG B 190 15.46 -0.76 -13.32
N PHE B 191 14.32 -1.25 -12.82
CA PHE B 191 13.35 -0.33 -12.24
C PHE B 191 14.00 0.49 -11.12
N PHE B 192 14.79 -0.20 -10.29
CA PHE B 192 15.35 0.39 -9.10
C PHE B 192 16.55 1.25 -9.43
N SER B 193 17.42 0.75 -10.28
CA SER B 193 18.60 1.56 -10.66
C SER B 193 18.16 2.83 -11.38
N CYS B 194 17.18 2.75 -12.28
CA CYS B 194 16.73 3.97 -12.96
C CYS B 194 16.01 4.91 -12.00
N MET B 195 15.21 4.37 -11.09
CA MET B 195 14.46 5.20 -10.15
C MET B 195 15.34 6.04 -9.20
N GLN B 196 16.37 5.38 -8.67
CA GLN B 196 17.39 6.00 -7.83
C GLN B 196 17.98 7.29 -8.43
N SER B 197 18.24 7.28 -9.72
CA SER B 197 18.80 8.48 -10.35
C SER B 197 17.78 9.36 -11.07
N ASP B 198 16.74 8.77 -11.65
CA ASP B 198 15.84 9.55 -12.50
C ASP B 198 15.08 10.64 -11.76
N PHE B 199 14.73 10.38 -10.51
CA PHE B 199 13.82 11.27 -9.79
C PHE B 199 14.52 12.38 -9.03
N LEU B 200 15.86 12.39 -9.09
CA LEU B 200 16.61 13.42 -8.41
C LEU B 200 16.37 14.77 -9.05
N LYS B 201 16.34 14.83 -10.39
CA LYS B 201 16.23 16.12 -11.11
C LYS B 201 15.10 16.16 -12.14
N VAL B 202 13.99 15.54 -11.85
CA VAL B 202 12.90 15.54 -12.81
C VAL B 202 12.12 16.83 -12.59
N ASP B 203 11.73 17.47 -13.69
CA ASP B 203 11.05 18.76 -13.68
C ASP B 203 9.54 18.65 -13.86
N LEU B 204 9.08 17.53 -14.43
CA LEU B 204 7.63 17.30 -14.62
C LEU B 204 7.30 15.82 -14.63
N LEU B 205 6.26 15.43 -13.89
CA LEU B 205 5.72 14.07 -14.02
C LEU B 205 4.42 14.11 -14.81
N LEU B 206 4.33 13.24 -15.80
CA LEU B 206 3.13 13.08 -16.56
C LEU B 206 2.64 11.65 -16.32
N VAL B 207 1.48 11.55 -15.69
CA VAL B 207 0.90 10.30 -15.24
C VAL B 207 -0.36 10.08 -16.03
N MET B 208 -0.42 8.97 -16.73
CA MET B 208 -1.46 8.76 -17.72
C MET B 208 -1.97 7.34 -17.67
N GLY B 209 -3.29 7.18 -17.63
CA GLY B 209 -3.88 5.88 -17.85
C GLY B 209 -3.55 4.87 -16.79
N THR B 210 -3.50 5.31 -15.53
CA THR B 210 -3.30 4.38 -14.42
C THR B 210 -4.10 4.74 -13.19
N SER B 211 -4.53 3.70 -12.46
CA SER B 211 -5.32 3.87 -11.25
C SER B 211 -4.42 3.94 -10.05
N LEU B 212 -3.12 3.77 -10.24
CA LEU B 212 -2.16 3.80 -9.16
C LEU B 212 -2.58 2.91 -8.01
N GLN B 213 -2.93 1.67 -8.33
CA GLN B 213 -3.41 0.74 -7.33
C GLN B 213 -2.43 -0.35 -7.05
N VAL B 214 -1.21 -0.27 -7.54
CA VAL B 214 -0.19 -1.26 -7.22
C VAL B 214 1.15 -0.65 -6.80
N GLN B 215 1.70 -1.21 -5.73
CA GLN B 215 3.03 -0.89 -5.23
C GLN B 215 4.03 -1.91 -5.81
N PRO B 216 5.30 -1.49 -6.01
CA PRO B 216 5.83 -0.15 -5.65
C PRO B 216 5.67 0.90 -6.69
N PHE B 217 5.07 0.61 -7.85
CA PHE B 217 4.96 1.64 -8.88
C PHE B 217 4.29 2.93 -8.37
N ALA B 218 3.25 2.75 -7.57
CA ALA B 218 2.50 3.87 -7.04
C ALA B 218 3.37 4.80 -6.18
N SER B 219 4.44 4.29 -5.58
CA SER B 219 5.37 5.11 -4.81
C SER B 219 6.14 6.09 -5.67
N LEU B 220 6.23 5.86 -6.97
CA LEU B 220 7.08 6.66 -7.83
C LEU B 220 6.69 8.13 -7.81
N ILE B 221 5.40 8.44 -7.66
CA ILE B 221 5.00 9.84 -7.71
C ILE B 221 5.59 10.64 -6.54
N SER B 222 5.81 9.96 -5.43
CA SER B 222 6.37 10.59 -4.24
C SER B 222 7.90 10.66 -4.26
N LYS B 223 8.52 10.06 -5.28
CA LYS B 223 9.99 10.13 -5.44
C LYS B 223 10.52 11.44 -6.05
N ALA B 224 9.65 12.14 -6.76
CA ALA B 224 9.99 13.42 -7.36
C ALA B 224 10.24 14.44 -6.26
N PRO B 225 11.07 15.46 -6.53
CA PRO B 225 11.17 16.52 -5.53
C PRO B 225 9.82 17.18 -5.31
N LEU B 226 9.66 17.82 -4.16
CA LEU B 226 8.36 18.36 -3.76
C LEU B 226 7.84 19.51 -4.63
N SER B 227 8.74 20.17 -5.34
CA SER B 227 8.34 21.26 -6.24
C SER B 227 7.97 20.81 -7.66
N THR B 228 8.28 19.55 -8.02
CA THR B 228 8.06 19.08 -9.40
C THR B 228 6.55 18.95 -9.68
N PRO B 229 6.02 19.69 -10.65
CA PRO B 229 4.58 19.53 -10.88
C PRO B 229 4.25 18.16 -11.42
N ARG B 230 2.97 17.79 -11.30
CA ARG B 230 2.52 16.45 -11.72
C ARG B 230 1.17 16.58 -12.38
N LEU B 231 1.10 16.18 -13.64
CA LEU B 231 -0.09 16.22 -14.43
C LEU B 231 -0.61 14.80 -14.58
N LEU B 232 -1.85 14.60 -14.20
CA LEU B 232 -2.56 13.34 -14.42
C LEU B 232 -3.50 13.53 -15.61
N ILE B 233 -3.38 12.68 -16.62
CA ILE B 233 -4.34 12.67 -17.71
C ILE B 233 -4.98 11.31 -17.59
N ASN B 234 -6.26 11.27 -17.23
CA ASN B 234 -6.90 9.99 -16.90
C ASN B 234 -8.42 10.16 -16.89
N LYS B 235 -9.14 9.07 -17.06
CA LYS B 235 -10.62 9.15 -17.05
C LYS B 235 -11.13 9.57 -15.69
N GLU B 236 -10.44 9.19 -14.62
CA GLU B 236 -10.89 9.43 -13.27
C GLU B 236 -9.68 9.93 -12.50
N LYS B 237 -9.92 10.58 -11.37
CA LYS B 237 -8.84 10.96 -10.49
C LYS B 237 -8.27 9.68 -9.92
N ALA B 238 -6.97 9.63 -9.81
CA ALA B 238 -6.25 8.53 -9.19
C ALA B 238 -5.20 9.19 -8.30
N GLY B 239 -4.90 8.51 -7.21
CA GLY B 239 -3.87 8.94 -6.26
C GLY B 239 -4.30 9.98 -5.26
N GLN B 240 -5.57 10.38 -5.29
CA GLN B 240 -6.12 11.32 -4.32
C GLN B 240 -7.24 10.64 -3.55
N SER B 241 -7.04 10.48 -2.26
CA SER B 241 -8.08 9.94 -1.43
C SER B 241 -7.86 10.48 -0.09
N ASP B 242 -8.97 10.56 0.63
CA ASP B 242 -8.90 10.49 2.04
C ASP B 242 -8.34 9.10 2.32
N PRO B 243 -7.51 9.02 3.35
CA PRO B 243 -6.98 7.77 3.79
C PRO B 243 -8.09 6.82 4.20
N PHE B 244 -7.83 5.53 4.09
CA PHE B 244 -8.82 4.55 4.46
C PHE B 244 -8.06 3.26 4.62
N LEU B 245 -8.62 2.35 5.38
CA LEU B 245 -7.93 1.11 5.69
C LEU B 245 -7.82 0.28 4.44
N GLY B 246 -6.59 -0.12 4.11
CA GLY B 246 -6.30 -0.87 2.89
C GLY B 246 -5.96 -0.03 1.66
N MET B 247 -5.87 1.30 1.80
CA MET B 247 -5.40 2.15 0.74
C MET B 247 -4.03 1.70 0.27
N ILE B 248 -3.75 1.92 -1.02
CA ILE B 248 -2.52 1.48 -1.66
C ILE B 248 -1.37 2.46 -1.41
N MET B 249 -1.67 3.75 -1.49
CA MET B 249 -0.68 4.80 -1.25
C MET B 249 -0.34 4.87 0.20
N GLY B 250 0.93 5.12 0.49
CA GLY B 250 1.28 5.46 1.83
C GLY B 250 0.69 6.83 2.15
N LEU B 251 0.61 7.11 3.42
CA LEU B 251 0.00 8.30 3.95
C LEU B 251 0.70 9.53 3.40
N GLY B 252 -0.06 10.44 2.80
CA GLY B 252 0.50 11.66 2.19
C GLY B 252 1.39 11.42 0.97
N GLY B 253 1.39 10.19 0.45
CA GLY B 253 2.23 9.86 -0.68
C GLY B 253 1.49 10.02 -2.00
N GLY B 254 0.27 10.56 -1.95
CA GLY B 254 -0.57 10.62 -3.14
C GLY B 254 -0.54 12.00 -3.78
N MET B 255 -1.52 12.21 -4.64
CA MET B 255 -1.76 13.49 -5.29
C MET B 255 -2.70 14.37 -4.48
N ASP B 256 -2.53 15.69 -4.63
CA ASP B 256 -3.45 16.65 -4.04
C ASP B 256 -3.84 17.63 -5.13
N PHE B 257 -4.91 17.30 -5.84
CA PHE B 257 -5.48 18.18 -6.84
C PHE B 257 -6.37 19.24 -6.20
N ASP B 258 -7.13 18.87 -5.17
CA ASP B 258 -8.33 19.67 -4.81
C ASP B 258 -8.34 20.38 -3.45
N SER B 259 -7.49 19.97 -2.51
CA SER B 259 -7.48 20.64 -1.21
C SER B 259 -6.98 22.08 -1.36
N LYS B 260 -7.06 22.84 -0.27
CA LYS B 260 -6.63 24.23 -0.29
C LYS B 260 -5.12 24.36 -0.12
N LYS B 261 -4.44 23.26 0.16
CA LYS B 261 -2.99 23.22 0.15
C LYS B 261 -2.45 22.84 -1.23
N ALA B 262 -3.33 22.52 -2.18
CA ALA B 262 -2.94 22.07 -3.52
C ALA B 262 -2.09 23.14 -4.18
N TYR B 263 -0.91 22.75 -4.65
CA TYR B 263 0.07 23.71 -5.19
C TYR B 263 0.77 23.26 -6.48
N ARG B 264 0.69 21.97 -6.85
CA ARG B 264 1.50 21.45 -7.96
C ARG B 264 0.92 20.29 -8.81
N ASP B 265 -0.22 19.75 -8.40
CA ASP B 265 -0.82 18.61 -9.09
C ASP B 265 -2.04 19.04 -9.92
N VAL B 266 -2.08 18.60 -11.16
CA VAL B 266 -3.23 18.91 -12.03
C VAL B 266 -3.84 17.63 -12.60
N ALA B 267 -5.17 17.54 -12.49
CA ALA B 267 -5.94 16.43 -13.06
C ALA B 267 -6.71 16.88 -14.26
N TRP B 268 -6.33 16.37 -15.44
CA TRP B 268 -7.11 16.55 -16.65
C TRP B 268 -7.87 15.26 -16.88
N LEU B 269 -9.19 15.30 -16.75
CA LEU B 269 -10.01 14.09 -16.83
C LEU B 269 -10.70 13.89 -18.17
N GLY B 270 -10.46 12.73 -18.75
CA GLY B 270 -10.98 12.38 -20.05
C GLY B 270 -10.12 11.28 -20.65
N GLU B 271 -10.22 11.12 -21.95
CA GLU B 271 -9.44 10.15 -22.68
C GLU B 271 -7.98 10.62 -22.70
N CYS B 272 -7.03 9.70 -22.59
CA CYS B 272 -5.60 10.03 -22.67
C CYS B 272 -5.21 10.64 -24.04
N ASP B 273 -5.70 10.02 -25.12
CA ASP B 273 -5.57 10.57 -26.47
C ASP B 273 -6.02 12.03 -26.56
N GLN B 274 -7.19 12.33 -26.03
CA GLN B 274 -7.70 13.71 -26.10
C GLN B 274 -6.89 14.65 -25.23
N GLY B 275 -6.43 14.16 -24.08
CA GLY B 275 -5.64 14.98 -23.17
C GLY B 275 -4.32 15.37 -23.79
N CYS B 276 -3.72 14.43 -24.51
CA CYS B 276 -2.44 14.63 -25.12
C CYS B 276 -2.55 15.58 -26.35
N LEU B 277 -3.63 15.43 -27.14
CA LEU B 277 -3.98 16.39 -28.20
C LEU B 277 -4.20 17.81 -27.67
N ALA B 278 -4.97 17.94 -26.61
CA ALA B 278 -5.16 19.23 -25.98
C ALA B 278 -3.83 19.83 -25.51
N LEU B 279 -2.92 18.99 -24.98
CA LEU B 279 -1.62 19.49 -24.53
C LEU B 279 -0.75 19.87 -25.73
N ALA B 280 -0.70 18.97 -26.71
CA ALA B 280 0.05 19.19 -27.92
C ALA B 280 -0.35 20.55 -28.53
N GLU B 281 -1.66 20.78 -28.67
CA GLU B 281 -2.18 22.05 -29.19
C GLU B 281 -1.55 23.24 -28.47
N LEU B 282 -1.66 23.26 -27.15
CA LEU B 282 -1.17 24.40 -26.36
C LEU B 282 0.35 24.60 -26.48
N LEU B 283 1.07 23.52 -26.79
CA LEU B 283 2.51 23.61 -27.06
C LEU B 283 2.86 23.99 -28.49
N GLY B 284 1.85 23.98 -29.38
CA GLY B 284 2.05 24.20 -30.82
C GLY B 284 2.46 22.94 -31.57
N TRP B 285 2.29 21.76 -30.96
CA TRP B 285 2.73 20.49 -31.59
C TRP B 285 1.59 19.68 -32.19
N LYS B 286 0.37 20.21 -32.18
CA LYS B 286 -0.80 19.43 -32.59
C LYS B 286 -0.63 18.83 -33.98
N LYS B 287 -0.23 19.64 -34.94
CA LYS B 287 -0.08 19.17 -36.32
C LYS B 287 1.03 18.13 -36.43
N GLU B 288 2.19 18.43 -35.87
CA GLU B 288 3.29 17.47 -35.90
C GLU B 288 2.84 16.12 -35.30
N LEU B 289 2.11 16.16 -34.19
CA LEU B 289 1.62 14.91 -33.56
C LEU B 289 0.70 14.13 -34.51
N GLU B 290 -0.30 14.81 -35.05
CA GLU B 290 -1.24 14.15 -35.96
C GLU B 290 -0.57 13.50 -37.17
N ASP B 291 0.38 14.22 -37.79
CA ASP B 291 1.13 13.69 -38.93
C ASP B 291 1.95 12.46 -38.56
N LEU B 292 2.64 12.53 -37.42
CA LEU B 292 3.37 11.37 -36.90
C LEU B 292 2.45 10.16 -36.71
N VAL B 293 1.29 10.37 -36.12
CA VAL B 293 0.35 9.26 -35.89
C VAL B 293 -0.04 8.61 -37.22
N ARG B 294 -0.49 9.44 -38.16
CA ARG B 294 -0.94 8.95 -39.46
C ARG B 294 0.13 8.19 -40.24
N ARG B 295 1.33 8.78 -40.35
CA ARG B 295 2.44 8.10 -41.02
C ARG B 295 2.72 6.75 -40.38
N GLU B 296 2.80 6.75 -39.05
CA GLU B 296 3.18 5.55 -38.35
C GLU B 296 2.10 4.49 -38.47
N HIS B 297 0.84 4.89 -38.29
CA HIS B 297 -0.26 3.95 -38.53
C HIS B 297 -0.20 3.41 -39.97
N ALA B 298 0.03 4.32 -40.92
CA ALA B 298 0.20 3.92 -42.33
C ALA B 298 1.36 2.94 -42.50
N SER B 299 2.51 3.19 -41.86
CA SER B 299 3.65 2.28 -41.99
C SER B 299 3.37 0.90 -41.41
N ILE B 300 2.67 0.85 -40.29
CA ILE B 300 2.35 -0.44 -39.68
C ILE B 300 1.40 -1.19 -40.61
N ASP B 301 0.33 -0.52 -41.05
CA ASP B 301 -0.61 -1.15 -41.98
C ASP B 301 0.14 -1.80 -43.14
N ALA B 302 1.12 -1.06 -43.67
CA ALA B 302 1.96 -1.52 -44.79
C ALA B 302 2.78 -2.79 -44.50
N GLN B 303 3.30 -2.92 -43.27
CA GLN B 303 4.12 -4.08 -42.91
C GLN B 303 3.27 -5.24 -42.41
N1 AR6 C . 4.77 -11.35 21.00
C2 AR6 C . 5.40 -10.76 19.98
N3 AR6 C . 4.89 -10.77 18.74
C4 AR6 C . 3.71 -11.40 18.51
C5 AR6 C . 2.98 -12.05 19.56
C6 AR6 C . 3.59 -11.99 20.88
N6 AR6 C . 2.97 -12.60 21.91
N7 AR6 C . 1.84 -12.59 19.06
C8 AR6 C . 1.84 -12.28 17.76
N9 AR6 C . 2.95 -11.59 17.45
PA AR6 C . -1.28 -9.18 12.72
PB AR6 C . -1.98 -6.46 13.30
C1' AR6 C . 3.24 -11.00 16.16
O1A AR6 C . -1.20 -8.90 11.29
O1B AR6 C . -2.45 -5.81 14.51
C1D AR6 C . -6.40 -6.53 10.54
O1D AR6 C . -7.06 -6.55 9.30
C2' AR6 C . 2.89 -11.79 14.93
O2' AR6 C . 4.00 -12.53 14.58
O2A AR6 C . -1.88 -10.49 13.29
O2B AR6 C . -0.62 -6.24 12.71
C2D AR6 C . -7.05 -5.53 11.47
O2D AR6 C . -7.59 -4.48 10.65
C3' AR6 C . 2.64 -10.66 13.95
O3' AR6 C . 3.84 -10.12 13.37
O3A AR6 C . -2.10 -8.08 13.53
C3D AR6 C . -5.87 -5.12 12.31
O3D AR6 C . -6.11 -3.94 13.07
C4' AR6 C . 1.98 -9.60 14.78
O4' AR6 C . 2.27 -9.93 16.14
C4D AR6 C . -4.82 -4.95 11.27
O4D AR6 C . -5.10 -5.98 10.29
C5' AR6 C . 0.48 -9.55 14.61
O5' AR6 C . 0.22 -9.16 13.27
C5D AR6 C . -3.39 -4.95 11.75
O5D AR6 C . -3.03 -6.30 12.18
N1 NCA D . -8.16 -10.29 16.89
C2 NCA D . -7.59 -9.38 17.68
C3 NCA D . -8.30 -8.22 18.03
C4 NCA D . -9.59 -8.01 17.54
C5 NCA D . -10.14 -8.96 16.71
C6 NCA D . -9.40 -10.10 16.41
C7 NCA D . -7.68 -7.17 18.92
O7 NCA D . -8.08 -6.04 18.73
N7 NCA D . -6.73 -7.51 19.84
C1 PEG E . 19.19 15.18 11.22
O1 PEG E . 19.80 14.50 12.33
C2 PEG E . 17.93 14.44 10.77
O2 PEG E . 16.81 14.89 11.54
C3 PEG E . 15.63 14.12 11.32
C4 PEG E . 14.61 15.03 10.63
O4 PEG E . 13.73 14.31 9.73
C1 EDO F . -10.25 -3.30 13.05
O1 EDO F . -9.60 -3.04 11.77
C2 EDO F . -10.47 -4.81 13.30
O2 EDO F . -11.38 -5.35 12.32
NA NA G . -4.54 -3.78 22.96
ZN ZN H . -29.51 5.53 8.63
ZN ZN I . 15.33 -24.54 -14.51
N1 AR6 J . -8.18 7.28 -21.30
C2 AR6 J . -7.95 7.75 -20.06
N3 AR6 J . -8.02 6.98 -18.97
C4 AR6 J . -8.34 5.65 -19.13
C5 AR6 J . -8.64 5.10 -20.40
C6 AR6 J . -8.55 6.01 -21.53
N6 AR6 J . -8.80 5.48 -22.76
N7 AR6 J . -8.90 3.78 -20.30
C8 AR6 J . -8.83 3.52 -19.00
N9 AR6 J . -8.51 4.62 -18.30
PA AR6 J . -5.90 -0.21 -14.14
PB AR6 J . -3.03 -0.10 -14.36
C1' AR6 J . -8.22 4.67 -16.87
O1A AR6 J . -6.81 -0.94 -15.12
O1B AR6 J . -2.05 -0.15 -15.47
C1D AR6 J . -2.28 -5.08 -12.72
O1D AR6 J . -2.41 -6.02 -11.66
C2' AR6 J . -9.03 3.89 -15.88
O2' AR6 J . -10.11 4.73 -15.42
O2A AR6 J . -5.91 -0.36 -12.65
O2B AR6 J . -3.07 1.08 -13.41
C2D AR6 J . -1.05 -5.22 -13.58
O2D AR6 J . 0.00 -5.61 -12.67
C3' AR6 J . -8.03 3.62 -14.76
O3' AR6 J . -7.86 4.72 -13.81
O3A AR6 J . -4.52 -0.45 -14.95
C3D AR6 J . -0.93 -3.77 -14.01
O3D AR6 J . 0.38 -3.48 -14.54
C4' AR6 J . -6.73 3.37 -15.52
O4' AR6 J . -6.91 4.00 -16.80
C4D AR6 J . -1.14 -3.06 -12.75
O4D AR6 J . -2.22 -3.78 -12.13
C5' AR6 J . -6.45 1.87 -15.69
O5' AR6 J . -6.13 1.39 -14.42
C5D AR6 J . -1.45 -1.56 -12.82
O5D AR6 J . -2.75 -1.43 -13.48
C1 EDO K . -11.50 17.71 -17.53
O1 EDO K . -10.73 17.91 -16.34
C2 EDO K . -11.23 18.85 -18.50
O2 EDO K . -10.72 19.98 -17.77
C1 EDO L . 1.29 -7.13 -15.98
O1 EDO L . 0.13 -7.87 -15.65
C2 EDO L . 2.45 -7.49 -15.08
O2 EDO L . 2.22 -6.98 -13.75
C1 PGE M . -2.64 9.66 0.31
O1 PGE M . -3.16 9.93 1.65
C2 PGE M . -3.75 9.52 -0.74
O2 PGE M . -3.52 8.34 -1.50
C3 PGE M . -4.65 7.89 -2.26
C4 PGE M . -5.12 6.48 -1.89
O4 PGE M . -6.38 2.71 -2.98
C6 PGE M . -6.12 4.09 -3.04
C5 PGE M . -4.71 4.24 -2.54
O3 PGE M . -4.20 5.53 -2.42
#